data_5O9H
#
_entry.id   5O9H
#
_cell.length_a   83.093
_cell.length_b   51.096
_cell.length_c   118.936
_cell.angle_alpha   90.00
_cell.angle_beta   106.73
_cell.angle_gamma   90.00
#
_symmetry.space_group_name_H-M   'P 1 21 1'
#
loop_
_entity.id
_entity.type
_entity.pdbx_description
1 polymer 'C5a anaphylatoxin chemotactic receptor 1'
2 non-polymer 1-(1,3-benzodioxol-5-yl)-~{N}-(1,3-benzodioxol-5-ylmethyl)-~{N}-[(3-butyl-2,5-diphenyl-imidazol-4-yl)methyl]methanamine
3 non-polymer 'L(+)-TARTARIC ACID'
4 non-polymer 'OLEIC ACID'
5 non-polymer 'CITRIC ACID'
6 water water
#
_entity_poly.entity_id   1
_entity_poly.type   'polypeptide(L)'
_entity_poly.pdbx_seq_one_letter_code
;MNTLRVPDILALVIFAVVFLVGVLGNALVVWVTAFEAKRTINAIWFLNLAVADFLACLALPALFTSIVQHHHWPFGGAAC
SILPSLILLNMYASILLLATISADRFLLVFKPAWCQRFRGAGLAWILCAVAWGLALLLTIPSALYRVVREEYFPPKVLCG
VDYSHDKRRERAVAIVRLVLGFLWPLLTLTICYTFILLRTWSARETRSTKTLKVVVAVVASFFIFWLPYQVTGIMMSFLE
PSSPTFLLLKKLDSLCVSFAYINCCINPIIYVVAGQGFQGRERKSLPELLREVLTEESVVRESKAAAHHHHHHHHHH
;
_entity_poly.pdbx_strand_id   A,B
#
loop_
_chem_comp.id
_chem_comp.type
_chem_comp.name
_chem_comp.formula
9P2 non-polymer 1-(1,3-benzodioxol-5-yl)-~{N}-(1,3-benzodioxol-5-ylmethyl)-~{N}-[(3-butyl-2,5-diphenyl-imidazol-4-yl)methyl]methanamine 'C36 H35 N3 O4'
CIT non-polymer 'CITRIC ACID' 'C6 H8 O7'
OLA non-polymer 'OLEIC ACID' 'C18 H34 O2'
TLA non-polymer 'L(+)-TARTARIC ACID' 'C4 H6 O6'
#
# COMPACT_ATOMS: atom_id res chain seq x y z
N ASN A 2 -20.91 17.14 -34.56
CA ASN A 2 -20.18 17.19 -35.82
C ASN A 2 -18.71 17.53 -35.59
N THR A 3 -18.36 18.80 -35.76
CA THR A 3 -16.99 19.24 -35.52
C THR A 3 -16.64 19.17 -34.03
N LEU A 4 -15.38 18.84 -33.74
CA LEU A 4 -14.90 18.77 -32.36
C LEU A 4 -14.71 20.15 -31.73
N ARG A 5 -14.85 20.22 -30.41
CA ARG A 5 -14.60 21.43 -29.64
C ARG A 5 -13.10 21.72 -29.57
N VAL A 6 -12.76 22.97 -29.23
CA VAL A 6 -11.36 23.38 -29.10
C VAL A 6 -10.54 22.47 -28.15
N PRO A 7 -11.04 22.20 -26.92
CA PRO A 7 -10.25 21.35 -26.04
C PRO A 7 -9.95 19.96 -26.60
N ASP A 8 -10.89 19.39 -27.37
CA ASP A 8 -10.71 18.05 -27.91
C ASP A 8 -9.65 18.00 -29.01
N ILE A 9 -9.62 19.03 -29.85
CA ILE A 9 -8.59 19.13 -30.87
C ILE A 9 -7.23 19.33 -30.21
N LEU A 10 -7.20 20.15 -29.16
CA LEU A 10 -5.97 20.37 -28.44
C LEU A 10 -5.47 19.07 -27.83
N ALA A 11 -6.41 18.28 -27.33
CA ALA A 11 -6.08 16.99 -26.75
C ALA A 11 -5.56 16.03 -27.80
N LEU A 12 -6.08 16.12 -29.03
CA LEU A 12 -5.60 15.27 -30.11
C LEU A 12 -4.15 15.61 -30.45
N VAL A 13 -3.86 16.91 -30.51
CA VAL A 13 -2.50 17.33 -30.84
C VAL A 13 -1.52 16.91 -29.74
N ILE A 14 -1.89 17.15 -28.49
CA ILE A 14 -1.04 16.77 -27.37
C ILE A 14 -0.81 15.27 -27.33
N PHE A 15 -1.86 14.50 -27.61
CA PHE A 15 -1.75 13.05 -27.61
C PHE A 15 -0.79 12.59 -28.70
N ALA A 16 -0.80 13.30 -29.83
CA ALA A 16 0.10 12.95 -30.93
C ALA A 16 1.56 13.19 -30.55
N VAL A 17 1.83 14.39 -30.05
CA VAL A 17 3.20 14.76 -29.67
C VAL A 17 3.74 13.83 -28.58
N VAL A 18 2.89 13.58 -27.58
CA VAL A 18 3.23 12.70 -26.47
C VAL A 18 3.45 11.26 -26.95
N PHE A 19 2.68 10.82 -27.95
CA PHE A 19 2.86 9.46 -28.44
C PHE A 19 4.21 9.31 -29.12
N LEU A 20 4.55 10.28 -29.98
CA LEU A 20 5.81 10.17 -30.71
C LEU A 20 7.03 10.32 -29.80
N VAL A 21 7.11 11.45 -29.10
CA VAL A 21 8.25 11.73 -28.24
C VAL A 21 8.34 10.72 -27.10
N GLY A 22 7.18 10.28 -26.63
CA GLY A 22 7.11 9.35 -25.54
C GLY A 22 7.58 7.96 -25.92
N VAL A 23 7.03 7.42 -27.00
CA VAL A 23 7.42 6.07 -27.41
C VAL A 23 8.90 6.03 -27.77
N LEU A 24 9.32 6.93 -28.66
CA LEU A 24 10.70 6.85 -29.13
C LEU A 24 11.70 7.22 -28.03
N GLY A 25 11.39 8.26 -27.28
CA GLY A 25 12.29 8.75 -26.25
C GLY A 25 12.45 7.77 -25.11
N ASN A 26 11.32 7.30 -24.56
CA ASN A 26 11.39 6.35 -23.47
C ASN A 26 11.96 5.01 -23.91
N ALA A 27 11.71 4.61 -25.15
CA ALA A 27 12.32 3.38 -25.63
C ALA A 27 13.83 3.52 -25.69
N LEU A 28 14.30 4.69 -26.15
CA LEU A 28 15.74 4.95 -26.18
C LEU A 28 16.34 4.99 -24.78
N VAL A 29 15.60 5.54 -23.82
CA VAL A 29 16.07 5.59 -22.44
C VAL A 29 16.19 4.18 -21.86
N VAL A 30 15.24 3.31 -22.22
CA VAL A 30 15.31 1.92 -21.80
C VAL A 30 16.54 1.27 -22.41
N TRP A 31 16.80 1.57 -23.68
CA TRP A 31 17.95 1.02 -24.38
C TRP A 31 19.27 1.47 -23.74
N VAL A 32 19.28 2.70 -23.24
CA VAL A 32 20.49 3.26 -22.63
C VAL A 32 20.74 2.68 -21.26
N THR A 33 19.69 2.59 -20.45
CA THR A 33 19.85 2.18 -19.05
C THR A 33 19.90 0.67 -18.82
N ALA A 34 19.34 -0.11 -19.76
CA ALA A 34 19.22 -1.55 -19.52
C ALA A 34 20.55 -2.27 -19.37
N PHE A 35 21.57 -1.82 -20.11
CA PHE A 35 22.88 -2.46 -20.06
C PHE A 35 23.61 -2.21 -18.75
N GLU A 36 23.29 -1.09 -18.10
CA GLU A 36 23.93 -0.73 -16.85
C GLU A 36 23.04 -0.98 -15.63
N ALA A 37 21.81 -1.42 -15.88
CA ALA A 37 20.84 -1.62 -14.81
C ALA A 37 21.23 -2.81 -13.92
N LYS A 38 22.14 -3.63 -14.42
CA LYS A 38 22.67 -4.76 -13.67
C LYS A 38 23.50 -4.33 -12.46
N ARG A 39 24.17 -3.19 -12.54
CA ARG A 39 25.11 -2.79 -11.49
C ARG A 39 24.79 -1.43 -10.86
N THR A 40 24.65 -0.38 -11.68
CA THR A 40 24.40 0.94 -11.13
C THR A 40 22.91 1.19 -10.86
N ILE A 41 22.63 1.68 -9.65
CA ILE A 41 21.26 1.86 -9.15
C ILE A 41 20.45 2.96 -9.86
N ASN A 42 21.11 4.06 -10.21
CA ASN A 42 20.41 5.17 -10.84
C ASN A 42 19.83 4.75 -12.18
N ALA A 43 20.56 3.88 -12.88
CA ALA A 43 20.08 3.33 -14.14
C ALA A 43 18.84 2.47 -13.92
N ILE A 44 18.78 1.80 -12.78
CA ILE A 44 17.60 1.00 -12.43
C ILE A 44 16.40 1.91 -12.23
N TRP A 45 16.62 3.00 -11.49
CA TRP A 45 15.55 3.96 -11.25
C TRP A 45 14.99 4.49 -12.57
N PHE A 46 15.88 5.03 -13.38
CA PHE A 46 15.47 5.64 -14.65
C PHE A 46 14.88 4.63 -15.63
N LEU A 47 15.36 3.39 -15.57
CA LEU A 47 14.83 2.32 -16.41
C LEU A 47 13.38 2.04 -16.05
N ASN A 48 13.10 1.87 -14.76
CA ASN A 48 11.73 1.61 -14.34
C ASN A 48 10.81 2.78 -14.66
N LEU A 49 11.34 3.99 -14.52
CA LEU A 49 10.56 5.19 -14.85
C LEU A 49 10.19 5.19 -16.33
N ALA A 50 11.18 4.90 -17.17
CA ALA A 50 10.98 4.88 -18.61
C ALA A 50 10.02 3.79 -19.05
N VAL A 51 10.06 2.64 -18.39
CA VAL A 51 9.14 1.56 -18.72
C VAL A 51 7.73 1.98 -18.36
N ALA A 52 7.58 2.59 -17.19
CA ALA A 52 6.26 3.03 -16.76
C ALA A 52 5.68 4.08 -17.69
N ASP A 53 6.53 4.99 -18.19
CA ASP A 53 6.03 6.03 -19.10
C ASP A 53 5.83 5.51 -20.52
N PHE A 54 6.49 4.39 -20.84
CA PHE A 54 6.35 3.79 -22.16
C PHE A 54 5.05 3.00 -22.26
N LEU A 55 4.69 2.31 -21.19
CA LEU A 55 3.47 1.49 -21.21
C LEU A 55 2.21 2.33 -21.40
N ALA A 56 2.21 3.53 -20.85
CA ALA A 56 1.04 4.41 -20.93
C ALA A 56 0.78 4.88 -22.36
N CYS A 57 1.85 5.05 -23.13
CA CYS A 57 1.75 5.55 -24.49
C CYS A 57 1.12 4.51 -25.42
N LEU A 58 1.19 3.24 -25.03
CA LEU A 58 0.66 2.17 -25.87
C LEU A 58 -0.86 2.27 -26.02
N ALA A 59 -1.52 2.80 -25.00
CA ALA A 59 -2.97 2.95 -25.04
C ALA A 59 -3.39 4.24 -25.75
N LEU A 60 -2.43 5.10 -26.02
CA LEU A 60 -2.69 6.42 -26.61
C LEU A 60 -3.42 6.39 -27.96
N PRO A 61 -2.99 5.54 -28.91
CA PRO A 61 -3.70 5.56 -30.20
C PRO A 61 -5.18 5.25 -30.09
N ALA A 62 -5.55 4.38 -29.14
CA ALA A 62 -6.96 4.03 -28.95
C ALA A 62 -7.77 5.21 -28.42
N LEU A 63 -7.19 5.93 -27.45
CA LEU A 63 -7.83 7.10 -26.90
C LEU A 63 -7.97 8.20 -27.95
N PHE A 64 -6.97 8.27 -28.82
CA PHE A 64 -6.95 9.24 -29.92
C PHE A 64 -8.11 8.92 -30.87
N THR A 65 -8.19 7.64 -31.24
CA THR A 65 -9.22 7.18 -32.16
C THR A 65 -10.61 7.41 -31.59
N SER A 66 -10.73 7.20 -30.28
CA SER A 66 -12.03 7.37 -29.62
C SER A 66 -12.42 8.85 -29.58
N ILE A 67 -11.47 9.73 -29.30
CA ILE A 67 -11.79 11.15 -29.30
C ILE A 67 -12.14 11.65 -30.70
N VAL A 68 -11.51 11.09 -31.72
CA VAL A 68 -11.83 11.49 -33.09
C VAL A 68 -13.28 11.13 -33.45
N GLN A 69 -13.77 10.06 -32.83
CA GLN A 69 -15.12 9.58 -33.09
C GLN A 69 -16.12 10.09 -32.07
N HIS A 70 -15.85 11.28 -31.53
CA HIS A 70 -16.72 11.92 -30.54
C HIS A 70 -16.97 11.03 -29.34
N HIS A 71 -15.88 10.48 -28.80
CA HIS A 71 -15.90 9.65 -27.59
C HIS A 71 -16.73 8.38 -27.73
N HIS A 72 -16.87 7.90 -28.97
CA HIS A 72 -17.40 6.56 -29.22
C HIS A 72 -16.32 5.52 -28.93
N TRP A 73 -16.72 4.38 -28.35
CA TRP A 73 -15.75 3.34 -28.01
C TRP A 73 -16.02 2.02 -28.74
N PRO A 74 -15.21 1.72 -29.77
CA PRO A 74 -15.35 0.52 -30.58
C PRO A 74 -14.46 -0.66 -30.17
N PHE A 75 -13.72 -0.51 -29.07
CA PHE A 75 -12.74 -1.53 -28.69
C PHE A 75 -13.21 -2.57 -27.69
N GLY A 76 -14.43 -2.41 -27.18
CA GLY A 76 -15.01 -3.41 -26.30
C GLY A 76 -14.63 -3.26 -24.83
N GLY A 77 -15.19 -4.15 -24.01
CA GLY A 77 -15.06 -4.06 -22.56
C GLY A 77 -13.68 -4.32 -21.98
N ALA A 78 -12.93 -5.23 -22.58
CA ALA A 78 -11.60 -5.53 -22.07
C ALA A 78 -10.67 -4.34 -22.26
N ALA A 79 -10.68 -3.80 -23.48
CA ALA A 79 -9.89 -2.61 -23.77
C ALA A 79 -10.40 -1.43 -22.96
N CYS A 80 -11.70 -1.40 -22.70
CA CYS A 80 -12.29 -0.35 -21.88
C CYS A 80 -11.78 -0.41 -20.46
N SER A 81 -11.56 -1.62 -19.95
CA SER A 81 -11.07 -1.79 -18.58
C SER A 81 -9.57 -1.56 -18.47
N ILE A 82 -8.84 -1.91 -19.53
CA ILE A 82 -7.38 -1.86 -19.48
C ILE A 82 -6.79 -0.54 -19.96
N LEU A 83 -7.02 -0.20 -21.22
CA LEU A 83 -6.30 0.91 -21.85
C LEU A 83 -6.44 2.29 -21.16
N PRO A 84 -7.67 2.73 -20.83
CA PRO A 84 -7.80 4.01 -20.13
C PRO A 84 -7.08 4.07 -18.78
N SER A 85 -6.98 2.92 -18.11
CA SER A 85 -6.38 2.85 -16.78
C SER A 85 -4.85 2.74 -16.76
N LEU A 86 -4.23 2.57 -17.93
CA LEU A 86 -2.78 2.47 -18.00
C LEU A 86 -2.11 3.76 -17.55
N ILE A 87 -2.79 4.88 -17.79
CA ILE A 87 -2.31 6.17 -17.32
C ILE A 87 -2.38 6.27 -15.79
N LEU A 88 -3.34 5.56 -15.19
CA LEU A 88 -3.47 5.54 -13.74
C LEU A 88 -2.38 4.67 -13.12
N LEU A 89 -2.13 3.54 -13.77
CA LEU A 89 -1.03 2.68 -13.36
C LEU A 89 0.28 3.44 -13.49
N ASN A 90 0.35 4.29 -14.52
CA ASN A 90 1.49 5.15 -14.69
C ASN A 90 1.61 6.16 -13.56
N MET A 91 0.46 6.66 -13.08
CA MET A 91 0.47 7.62 -11.98
C MET A 91 1.04 7.00 -10.72
N TYR A 92 0.47 5.86 -10.32
CA TYR A 92 0.88 5.24 -9.06
C TYR A 92 2.32 4.69 -9.13
N ALA A 93 2.66 4.04 -10.25
CA ALA A 93 4.00 3.48 -10.40
C ALA A 93 5.04 4.58 -10.42
N SER A 94 4.71 5.68 -11.11
CA SER A 94 5.65 6.79 -11.18
C SER A 94 5.86 7.40 -9.80
N ILE A 95 4.78 7.70 -9.09
CA ILE A 95 4.96 8.39 -7.82
C ILE A 95 5.62 7.50 -6.78
N LEU A 96 5.40 6.18 -6.87
CA LEU A 96 6.05 5.27 -5.94
C LEU A 96 7.54 5.18 -6.21
N LEU A 97 7.89 5.05 -7.49
CA LEU A 97 9.29 5.00 -7.86
C LEU A 97 10.00 6.30 -7.51
N LEU A 98 9.32 7.42 -7.71
CA LEU A 98 9.88 8.72 -7.37
C LEU A 98 10.03 8.87 -5.86
N ALA A 99 9.17 8.19 -5.10
CA ALA A 99 9.29 8.19 -3.65
C ALA A 99 10.56 7.43 -3.23
N THR A 100 10.77 6.24 -3.79
CA THR A 100 11.97 5.50 -3.42
C THR A 100 13.25 6.22 -3.87
N ILE A 101 13.16 6.85 -5.03
CA ILE A 101 14.30 7.60 -5.56
C ILE A 101 14.61 8.80 -4.70
N SER A 102 13.57 9.47 -4.23
CA SER A 102 13.75 10.61 -3.35
C SER A 102 14.35 10.17 -2.02
N ALA A 103 13.94 8.98 -1.57
CA ALA A 103 14.52 8.43 -0.35
C ALA A 103 15.99 8.12 -0.55
N ASP A 104 16.34 7.73 -1.77
CA ASP A 104 17.72 7.44 -2.11
C ASP A 104 18.57 8.71 -2.12
N ARG A 105 18.04 9.75 -2.76
CA ARG A 105 18.73 11.03 -2.83
C ARG A 105 18.89 11.61 -1.42
N PHE A 106 17.92 11.32 -0.57
CA PHE A 106 17.98 11.77 0.81
C PHE A 106 19.07 11.04 1.58
N LEU A 107 19.07 9.72 1.48
CA LEU A 107 20.01 8.90 2.21
C LEU A 107 21.45 9.15 1.77
N LEU A 108 21.65 9.45 0.50
CA LEU A 108 22.99 9.74 0.00
C LEU A 108 23.59 11.00 0.62
N VAL A 109 22.73 11.98 0.89
CA VAL A 109 23.15 13.23 1.47
C VAL A 109 23.29 13.12 2.98
N PHE A 110 22.35 12.45 3.63
CA PHE A 110 22.30 12.44 5.09
C PHE A 110 22.83 11.16 5.75
N LYS A 111 22.90 10.06 5.02
CA LYS A 111 23.46 8.82 5.57
C LYS A 111 24.45 8.16 4.62
N PRO A 112 25.63 8.78 4.42
CA PRO A 112 26.64 8.20 3.51
C PRO A 112 27.10 6.81 3.94
N ALA A 113 27.20 6.58 5.24
CA ALA A 113 27.75 5.33 5.76
C ALA A 113 26.79 4.17 5.50
N TRP A 114 25.50 4.45 5.64
CA TRP A 114 24.48 3.45 5.37
C TRP A 114 24.44 3.10 3.89
N CYS A 115 24.63 4.12 3.06
CA CYS A 115 24.67 3.94 1.61
C CYS A 115 25.88 3.12 1.19
N GLN A 116 26.96 3.24 1.97
CA GLN A 116 28.18 2.49 1.66
C GLN A 116 27.97 0.99 1.75
N ARG A 117 27.13 0.55 2.68
CA ARG A 117 26.96 -0.87 2.93
C ARG A 117 25.71 -1.45 2.27
N PHE A 118 24.63 -0.67 2.23
CA PHE A 118 23.35 -1.25 1.80
C PHE A 118 22.80 -0.82 0.44
N ARG A 119 23.44 0.14 -0.21
CA ARG A 119 22.91 0.59 -1.50
C ARG A 119 23.34 -0.35 -2.62
N GLY A 120 22.72 -1.53 -2.67
CA GLY A 120 23.00 -2.51 -3.70
C GLY A 120 21.92 -2.63 -4.77
N ALA A 121 22.29 -3.21 -5.90
CA ALA A 121 21.36 -3.34 -7.03
C ALA A 121 20.20 -4.27 -6.74
N GLY A 122 20.43 -5.30 -5.94
CA GLY A 122 19.38 -6.26 -5.66
C GLY A 122 18.29 -5.67 -4.80
N LEU A 123 18.68 -4.82 -3.86
CA LEU A 123 17.71 -4.13 -3.03
C LEU A 123 16.91 -3.15 -3.85
N ALA A 124 17.57 -2.47 -4.78
CA ALA A 124 16.89 -1.48 -5.63
C ALA A 124 15.88 -2.17 -6.52
N TRP A 125 16.26 -3.35 -7.04
CA TRP A 125 15.33 -4.14 -7.83
C TRP A 125 14.16 -4.68 -7.00
N ILE A 126 14.43 -5.00 -5.74
CA ILE A 126 13.36 -5.45 -4.86
C ILE A 126 12.36 -4.33 -4.63
N LEU A 127 12.88 -3.12 -4.39
CA LEU A 127 12.03 -1.96 -4.17
C LEU A 127 11.23 -1.61 -5.41
N CYS A 128 11.83 -1.81 -6.58
CA CYS A 128 11.12 -1.60 -7.83
C CYS A 128 9.98 -2.61 -7.97
N ALA A 129 10.23 -3.83 -7.53
CA ALA A 129 9.22 -4.88 -7.60
C ALA A 129 8.04 -4.51 -6.70
N VAL A 130 8.36 -4.02 -5.50
CA VAL A 130 7.32 -3.60 -4.57
C VAL A 130 6.52 -2.42 -5.11
N ALA A 131 7.20 -1.49 -5.78
CA ALA A 131 6.52 -0.32 -6.32
C ALA A 131 5.57 -0.73 -7.44
N TRP A 132 6.03 -1.63 -8.31
CA TRP A 132 5.19 -2.09 -9.41
C TRP A 132 3.98 -2.87 -8.91
N GLY A 133 4.20 -3.75 -7.93
CA GLY A 133 3.12 -4.57 -7.43
C GLY A 133 2.08 -3.74 -6.71
N LEU A 134 2.55 -2.80 -5.89
CA LEU A 134 1.63 -1.91 -5.19
C LEU A 134 0.87 -1.02 -6.17
N ALA A 135 1.54 -0.61 -7.25
CA ALA A 135 0.89 0.23 -8.24
C ALA A 135 -0.23 -0.53 -8.97
N LEU A 136 0.05 -1.78 -9.32
CA LEU A 136 -0.96 -2.61 -9.96
C LEU A 136 -2.14 -2.81 -9.02
N LEU A 137 -1.82 -3.05 -7.76
CA LEU A 137 -2.82 -3.28 -6.73
C LEU A 137 -3.71 -2.06 -6.53
N LEU A 138 -3.12 -0.88 -6.67
CA LEU A 138 -3.87 0.37 -6.55
C LEU A 138 -4.71 0.66 -7.79
N THR A 139 -4.25 0.19 -8.95
CA THR A 139 -4.94 0.47 -10.20
C THR A 139 -6.13 -0.47 -10.46
N ILE A 140 -6.09 -1.68 -9.89
CA ILE A 140 -7.16 -2.66 -10.16
C ILE A 140 -8.60 -2.18 -9.88
N PRO A 141 -8.87 -1.59 -8.69
CA PRO A 141 -10.25 -1.17 -8.42
C PRO A 141 -10.79 -0.18 -9.43
N SER A 142 -9.94 0.69 -9.96
CA SER A 142 -10.36 1.65 -10.97
C SER A 142 -10.74 0.95 -12.27
N ALA A 143 -9.97 -0.07 -12.62
CA ALA A 143 -10.22 -0.81 -13.85
C ALA A 143 -11.52 -1.60 -13.77
N LEU A 144 -11.82 -2.17 -12.61
CA LEU A 144 -13.04 -2.97 -12.48
C LEU A 144 -14.31 -2.13 -12.62
N TYR A 145 -14.29 -0.91 -12.08
CA TYR A 145 -15.44 -0.03 -12.14
C TYR A 145 -15.68 0.51 -13.56
N ARG A 146 -14.64 0.54 -14.37
CA ARG A 146 -14.77 0.99 -15.75
C ARG A 146 -15.62 -0.01 -16.55
N VAL A 147 -16.49 0.51 -17.41
CA VAL A 147 -17.47 -0.30 -18.11
C VAL A 147 -17.98 0.38 -19.38
N VAL A 148 -18.35 -0.45 -20.36
CA VAL A 148 -19.01 -0.01 -21.58
C VAL A 148 -20.49 0.34 -21.33
N ARG A 149 -20.99 1.34 -22.05
CA ARG A 149 -22.34 1.86 -21.84
C ARG A 149 -22.96 2.36 -23.15
N GLU A 150 -24.04 1.71 -23.57
CA GLU A 150 -24.71 2.05 -24.83
C GLU A 150 -25.65 3.26 -24.68
N GLU A 151 -25.73 4.08 -25.73
CA GLU A 151 -26.62 5.26 -25.73
C GLU A 151 -27.23 5.47 -27.11
N TYR A 152 -28.42 6.07 -27.16
CA TYR A 152 -29.24 6.04 -28.37
C TYR A 152 -29.58 7.40 -29.01
N PHE A 153 -29.25 8.50 -28.36
CA PHE A 153 -29.61 9.82 -28.89
C PHE A 153 -28.44 10.79 -28.90
N PRO A 154 -27.56 10.69 -29.92
CA PRO A 154 -27.55 9.73 -31.04
C PRO A 154 -26.95 8.40 -30.61
N PRO A 155 -26.97 7.38 -31.48
CA PRO A 155 -26.31 6.15 -31.06
C PRO A 155 -24.82 6.37 -30.80
N LYS A 156 -24.31 5.74 -29.74
CA LYS A 156 -22.91 5.87 -29.37
C LYS A 156 -22.56 4.90 -28.26
N VAL A 157 -21.30 4.48 -28.22
CA VAL A 157 -20.82 3.60 -27.17
C VAL A 157 -19.81 4.35 -26.30
N LEU A 158 -20.09 4.43 -25.00
CA LEU A 158 -19.27 5.21 -24.08
C LEU A 158 -18.50 4.33 -23.09
N CYS A 159 -17.24 4.67 -22.85
CA CYS A 159 -16.45 4.01 -21.82
C CYS A 159 -16.43 4.88 -20.55
N GLY A 160 -16.82 4.33 -19.41
CA GLY A 160 -16.91 5.16 -18.22
C GLY A 160 -17.00 4.45 -16.88
N VAL A 161 -16.91 5.22 -15.80
CA VAL A 161 -16.90 4.68 -14.45
C VAL A 161 -18.29 4.20 -14.01
N ASP A 162 -18.33 3.20 -13.13
CA ASP A 162 -19.58 2.68 -12.60
C ASP A 162 -20.13 3.58 -11.50
N HIS A 165 -24.06 6.70 -7.93
CA HIS A 165 -24.40 5.63 -7.01
C HIS A 165 -24.77 6.17 -5.63
N ASP A 166 -23.78 6.21 -4.74
CA ASP A 166 -23.90 6.84 -3.44
C ASP A 166 -23.05 8.11 -3.43
N LYS A 167 -23.70 9.27 -3.41
CA LYS A 167 -23.00 10.56 -3.48
C LYS A 167 -21.96 10.65 -2.37
N ARG A 168 -22.43 10.30 -1.17
CA ARG A 168 -21.67 10.41 0.06
C ARG A 168 -20.41 9.54 0.04
N ARG A 169 -20.50 8.41 -0.64
CA ARG A 169 -19.39 7.47 -0.76
C ARG A 169 -18.43 7.91 -1.85
N GLU A 170 -19.00 8.37 -2.96
CA GLU A 170 -18.21 8.79 -4.12
C GLU A 170 -17.30 9.95 -3.76
N ARG A 171 -17.79 10.82 -2.89
CA ARG A 171 -16.98 11.95 -2.47
C ARG A 171 -15.73 11.50 -1.71
N ALA A 172 -15.93 10.57 -0.78
CA ALA A 172 -14.83 10.05 0.02
C ALA A 172 -13.83 9.30 -0.85
N VAL A 173 -14.32 8.57 -1.85
CA VAL A 173 -13.42 7.85 -2.73
C VAL A 173 -12.58 8.82 -3.56
N ALA A 174 -13.20 9.90 -4.03
CA ALA A 174 -12.46 10.92 -4.78
C ALA A 174 -11.41 11.61 -3.91
N ILE A 175 -11.75 11.82 -2.64
CA ILE A 175 -10.79 12.44 -1.72
C ILE A 175 -9.60 11.51 -1.47
N VAL A 176 -9.88 10.22 -1.38
CA VAL A 176 -8.83 9.22 -1.21
C VAL A 176 -7.91 9.20 -2.44
N ARG A 177 -8.49 9.38 -3.62
CA ARG A 177 -7.66 9.43 -4.83
C ARG A 177 -6.78 10.68 -4.81
N LEU A 178 -7.36 11.80 -4.40
CA LEU A 178 -6.60 13.05 -4.37
C LEU A 178 -5.46 13.01 -3.37
N VAL A 179 -5.68 12.33 -2.25
CA VAL A 179 -4.64 12.25 -1.22
C VAL A 179 -3.54 11.26 -1.61
N LEU A 180 -3.95 10.05 -1.99
CA LEU A 180 -2.98 9.01 -2.32
C LEU A 180 -2.18 9.32 -3.59
N GLY A 181 -2.79 10.06 -4.51
CA GLY A 181 -2.13 10.32 -5.78
C GLY A 181 -1.43 11.67 -5.90
N PHE A 182 -1.68 12.59 -4.97
CA PHE A 182 -1.20 13.95 -5.15
C PHE A 182 -0.78 14.64 -3.86
N LEU A 183 -1.74 14.90 -2.98
CA LEU A 183 -1.48 15.76 -1.82
C LEU A 183 -0.44 15.19 -0.87
N TRP A 184 -0.60 13.91 -0.49
CA TRP A 184 0.39 13.26 0.38
C TRP A 184 1.79 13.22 -0.26
N PRO A 185 1.88 12.76 -1.54
CA PRO A 185 3.21 12.82 -2.16
C PRO A 185 3.76 14.25 -2.22
N LEU A 186 2.88 15.23 -2.41
CA LEU A 186 3.31 16.61 -2.52
C LEU A 186 3.93 17.09 -1.22
N LEU A 187 3.23 16.83 -0.12
CA LEU A 187 3.72 17.24 1.20
C LEU A 187 5.02 16.56 1.56
N THR A 188 5.04 15.23 1.43
CA THR A 188 6.21 14.46 1.83
C THR A 188 7.45 14.81 1.00
N LEU A 189 7.29 14.81 -0.32
CA LEU A 189 8.41 15.12 -1.20
C LEU A 189 8.86 16.56 -1.02
N THR A 190 7.92 17.45 -0.72
CA THR A 190 8.28 18.85 -0.49
C THR A 190 9.18 18.95 0.73
N ILE A 191 8.81 18.28 1.81
CA ILE A 191 9.65 18.32 3.00
C ILE A 191 11.02 17.69 2.74
N CYS A 192 11.01 16.60 1.97
CA CYS A 192 12.22 15.85 1.66
C CYS A 192 13.25 16.71 0.94
N TYR A 193 12.83 17.32 -0.16
CA TYR A 193 13.74 18.13 -0.93
C TYR A 193 13.99 19.50 -0.30
N THR A 194 13.14 19.89 0.65
CA THR A 194 13.44 21.07 1.44
C THR A 194 14.70 20.81 2.26
N PHE A 195 14.71 19.69 2.98
CA PHE A 195 15.89 19.33 3.75
C PHE A 195 17.11 19.16 2.84
N ILE A 196 16.92 18.43 1.73
CA ILE A 196 18.06 18.14 0.85
C ILE A 196 18.67 19.39 0.23
N LEU A 197 17.83 20.20 -0.40
CA LEU A 197 18.32 21.40 -1.05
C LEU A 197 18.90 22.41 -0.07
N LEU A 198 18.32 22.51 1.12
CA LEU A 198 18.89 23.40 2.12
C LEU A 198 20.28 22.93 2.54
N ARG A 199 20.46 21.61 2.63
CA ARG A 199 21.77 21.08 3.01
C ARG A 199 22.80 21.29 1.90
N THR A 200 22.43 20.98 0.66
CA THR A 200 23.37 21.10 -0.45
C THR A 200 23.70 22.55 -0.73
N TRP A 201 22.80 23.47 -0.37
CA TRP A 201 23.09 24.89 -0.50
C TRP A 201 23.99 25.39 0.63
N SER A 202 23.75 24.92 1.85
CA SER A 202 24.52 25.41 3.00
C SER A 202 25.98 24.96 3.01
N ALA A 203 26.22 23.69 2.69
CA ALA A 203 27.54 23.10 2.87
C ALA A 203 28.29 22.92 1.55
N ARG A 204 29.49 23.51 1.47
CA ARG A 204 30.34 23.36 0.30
C ARG A 204 30.81 21.92 0.10
N GLU A 205 30.99 21.20 1.20
CA GLU A 205 31.45 19.82 1.13
C GLU A 205 30.37 18.93 0.52
N THR A 206 29.11 19.33 0.65
CA THR A 206 28.02 18.61 0.03
C THR A 206 27.73 19.14 -1.36
N ARG A 207 27.82 18.28 -2.37
CA ARG A 207 27.61 18.68 -3.77
C ARG A 207 26.19 18.42 -4.26
N SER A 208 25.66 19.37 -5.04
CA SER A 208 24.43 19.14 -5.77
C SER A 208 24.76 18.47 -7.10
N THR A 209 24.65 17.15 -7.11
CA THR A 209 25.01 16.32 -8.26
C THR A 209 24.00 16.43 -9.39
N LYS A 210 24.44 16.06 -10.58
CA LYS A 210 23.60 16.14 -11.78
C LYS A 210 22.32 15.30 -11.64
N THR A 211 22.47 14.13 -11.02
CA THR A 211 21.34 13.22 -10.84
C THR A 211 20.27 13.86 -9.97
N LEU A 212 20.71 14.62 -8.97
CA LEU A 212 19.78 15.28 -8.07
C LEU A 212 18.97 16.36 -8.79
N LYS A 213 19.64 17.09 -9.68
CA LYS A 213 18.99 18.15 -10.42
C LYS A 213 17.95 17.56 -11.37
N VAL A 214 18.33 16.46 -12.03
CA VAL A 214 17.42 15.78 -12.93
C VAL A 214 16.19 15.25 -12.20
N VAL A 215 16.43 14.58 -11.07
CA VAL A 215 15.34 13.99 -10.29
C VAL A 215 14.40 15.06 -9.75
N VAL A 216 14.96 16.18 -9.31
CA VAL A 216 14.14 17.29 -8.83
C VAL A 216 13.26 17.81 -9.97
N ALA A 217 13.84 17.89 -11.17
CA ALA A 217 13.06 18.36 -12.31
C ALA A 217 11.89 17.41 -12.60
N VAL A 218 12.14 16.12 -12.56
CA VAL A 218 11.11 15.13 -12.85
C VAL A 218 9.98 15.18 -11.81
N VAL A 219 10.38 15.28 -10.54
CA VAL A 219 9.42 15.33 -9.46
C VAL A 219 8.54 16.57 -9.56
N ALA A 220 9.14 17.69 -9.99
CA ALA A 220 8.32 18.89 -10.18
C ALA A 220 7.33 18.71 -11.34
N SER A 221 7.81 18.06 -12.41
CA SER A 221 6.97 17.87 -13.59
C SER A 221 5.74 17.03 -13.26
N PHE A 222 5.91 16.08 -12.34
CA PHE A 222 4.79 15.22 -11.95
C PHE A 222 3.59 16.04 -11.48
N PHE A 223 3.81 16.88 -10.47
CA PHE A 223 2.75 17.69 -9.91
C PHE A 223 2.26 18.73 -10.91
N ILE A 224 3.19 19.26 -11.70
CA ILE A 224 2.81 20.27 -12.69
C ILE A 224 1.77 19.73 -13.66
N PHE A 225 1.98 18.51 -14.15
CA PHE A 225 1.06 17.99 -15.17
C PHE A 225 -0.14 17.25 -14.60
N TRP A 226 -0.02 16.70 -13.40
CA TRP A 226 -1.18 16.06 -12.79
C TRP A 226 -2.13 17.05 -12.12
N LEU A 227 -1.68 18.29 -11.90
CA LEU A 227 -2.51 19.24 -11.15
C LEU A 227 -3.91 19.55 -11.74
N PRO A 228 -3.99 19.96 -13.02
CA PRO A 228 -5.33 20.27 -13.53
C PRO A 228 -6.31 19.09 -13.50
N TYR A 229 -5.81 17.89 -13.72
CA TYR A 229 -6.65 16.70 -13.73
C TYR A 229 -7.17 16.40 -12.33
N GLN A 230 -6.29 16.50 -11.34
CA GLN A 230 -6.66 16.22 -9.97
C GLN A 230 -7.68 17.24 -9.47
N VAL A 231 -7.46 18.50 -9.83
CA VAL A 231 -8.36 19.56 -9.40
C VAL A 231 -9.73 19.43 -10.06
N THR A 232 -9.75 19.19 -11.36
CA THR A 232 -11.03 19.04 -12.05
C THR A 232 -11.80 17.81 -11.58
N GLY A 233 -11.06 16.75 -11.24
CA GLY A 233 -11.71 15.53 -10.77
C GLY A 233 -12.33 15.72 -9.39
N ILE A 234 -11.55 16.27 -8.47
CA ILE A 234 -12.04 16.49 -7.12
C ILE A 234 -13.18 17.52 -7.14
N MET A 235 -13.15 18.43 -8.11
CA MET A 235 -14.23 19.40 -8.27
C MET A 235 -15.50 18.75 -8.79
N MET A 236 -15.37 17.91 -9.81
CA MET A 236 -16.53 17.26 -10.39
C MET A 236 -17.20 16.30 -9.42
N SER A 237 -16.42 15.69 -8.52
CA SER A 237 -17.02 14.81 -7.52
C SER A 237 -17.88 15.58 -6.51
N PHE A 238 -17.58 16.86 -6.31
CA PHE A 238 -18.31 17.69 -5.36
C PHE A 238 -19.32 18.62 -6.02
N LEU A 239 -19.55 18.44 -7.33
CA LEU A 239 -20.49 19.26 -8.07
C LEU A 239 -21.69 18.46 -8.59
N GLU A 240 -22.83 19.14 -8.73
CA GLU A 240 -24.01 18.58 -9.39
C GLU A 240 -23.87 18.59 -10.90
N PRO A 241 -24.36 17.52 -11.57
CA PRO A 241 -24.38 17.45 -13.04
C PRO A 241 -25.16 18.60 -13.68
N SER A 242 -26.21 19.06 -13.01
CA SER A 242 -27.04 20.15 -13.51
C SER A 242 -26.30 21.48 -13.54
N SER A 243 -25.23 21.59 -12.76
CA SER A 243 -24.41 22.79 -12.69
C SER A 243 -23.64 23.04 -13.98
N PRO A 244 -23.67 24.29 -14.49
CA PRO A 244 -22.96 24.67 -15.71
C PRO A 244 -21.44 24.46 -15.65
N THR A 245 -20.85 24.70 -14.49
CA THR A 245 -19.40 24.54 -14.35
C THR A 245 -19.00 23.07 -14.40
N PHE A 246 -19.92 22.21 -13.96
CA PHE A 246 -19.72 20.77 -14.06
C PHE A 246 -19.67 20.36 -15.51
N LEU A 247 -20.57 20.92 -16.30
CA LEU A 247 -20.64 20.65 -17.73
C LEU A 247 -19.38 21.13 -18.42
N LEU A 248 -18.89 22.29 -17.99
CA LEU A 248 -17.67 22.84 -18.56
C LEU A 248 -16.47 21.95 -18.24
N LEU A 249 -16.40 21.44 -17.01
CA LEU A 249 -15.33 20.53 -16.65
C LEU A 249 -15.45 19.22 -17.41
N LYS A 250 -16.68 18.81 -17.68
CA LYS A 250 -16.93 17.59 -18.42
C LYS A 250 -16.41 17.72 -19.86
N LYS A 251 -16.54 18.91 -20.43
CA LYS A 251 -15.99 19.17 -21.77
C LYS A 251 -14.46 19.19 -21.81
N LEU A 252 -13.85 19.59 -20.69
CA LEU A 252 -12.40 19.80 -20.62
C LEU A 252 -11.62 18.54 -20.28
N ASP A 253 -12.33 17.44 -20.07
CA ASP A 253 -11.73 16.21 -19.54
C ASP A 253 -10.60 15.65 -20.40
N SER A 254 -10.80 15.63 -21.72
CA SER A 254 -9.79 15.07 -22.61
C SER A 254 -8.51 15.90 -22.59
N LEU A 255 -8.67 17.21 -22.49
CA LEU A 255 -7.52 18.09 -22.44
C LEU A 255 -6.72 17.88 -21.16
N CYS A 256 -7.42 17.65 -20.06
CA CYS A 256 -6.77 17.37 -18.78
C CYS A 256 -6.03 16.04 -18.83
N VAL A 257 -6.64 15.05 -19.47
CA VAL A 257 -5.99 13.75 -19.62
C VAL A 257 -4.73 13.89 -20.48
N SER A 258 -4.77 14.77 -21.47
CA SER A 258 -3.60 14.98 -22.34
C SER A 258 -2.47 15.67 -21.59
N PHE A 259 -2.83 16.72 -20.86
CA PHE A 259 -1.87 17.49 -20.11
C PHE A 259 -1.22 16.61 -19.04
N ALA A 260 -2.02 15.70 -18.47
CA ALA A 260 -1.46 14.69 -17.56
C ALA A 260 -0.58 13.70 -18.32
N TYR A 261 -0.88 13.48 -19.59
CA TYR A 261 -0.15 12.50 -20.39
C TYR A 261 1.21 13.02 -20.80
N ILE A 262 1.41 14.32 -20.67
CA ILE A 262 2.72 14.91 -20.95
C ILE A 262 3.80 14.34 -20.01
N ASN A 263 3.38 13.83 -18.85
CA ASN A 263 4.30 13.18 -17.91
C ASN A 263 5.01 11.98 -18.52
N CYS A 264 4.38 11.38 -19.52
CA CYS A 264 4.91 10.19 -20.19
C CYS A 264 5.90 10.51 -21.30
N CYS A 265 6.18 11.79 -21.54
CA CYS A 265 7.13 12.16 -22.57
C CYS A 265 8.09 13.27 -22.16
N ILE A 266 7.79 13.97 -21.07
CA ILE A 266 8.65 15.07 -20.65
C ILE A 266 9.98 14.59 -20.05
N ASN A 267 10.03 13.36 -19.55
CA ASN A 267 11.26 12.84 -18.94
C ASN A 267 12.47 12.84 -19.89
N PRO A 268 12.33 12.27 -21.12
CA PRO A 268 13.48 12.36 -22.04
C PRO A 268 13.87 13.81 -22.35
N ILE A 269 12.87 14.68 -22.42
CA ILE A 269 13.11 16.08 -22.70
C ILE A 269 13.96 16.70 -21.61
N ILE A 270 13.63 16.34 -20.36
CA ILE A 270 14.37 16.83 -19.21
C ILE A 270 15.79 16.31 -19.23
N TYR A 271 15.95 15.04 -19.58
CA TYR A 271 17.28 14.43 -19.60
C TYR A 271 18.17 15.10 -20.64
N VAL A 272 17.59 15.40 -21.80
CA VAL A 272 18.36 16.02 -22.88
C VAL A 272 18.69 17.47 -22.54
N VAL A 273 17.75 18.18 -21.93
CA VAL A 273 17.98 19.57 -21.55
C VAL A 273 19.07 19.67 -20.50
N ALA A 274 19.03 18.77 -19.52
CA ALA A 274 20.05 18.76 -18.48
C ALA A 274 21.41 18.36 -19.04
N GLY A 275 21.41 17.42 -19.99
CA GLY A 275 22.65 16.94 -20.56
C GLY A 275 23.33 18.00 -21.41
N GLN A 276 22.53 18.79 -22.13
CA GLN A 276 23.05 19.96 -22.81
C GLN A 276 23.47 21.04 -21.83
N GLY A 277 22.79 21.09 -20.69
CA GLY A 277 23.01 22.14 -19.71
C GLY A 277 24.34 22.01 -19.00
N PHE A 278 24.74 20.77 -18.73
CA PHE A 278 26.08 20.52 -18.19
C PHE A 278 27.13 20.76 -19.27
N GLN A 279 26.66 20.75 -20.52
CA GLN A 279 27.52 20.85 -21.71
C GLN A 279 28.51 19.68 -21.76
N LYS A 284 28.07 15.58 -28.74
CA LYS A 284 27.80 14.24 -28.21
C LYS A 284 26.49 13.67 -28.75
N SER A 285 26.49 12.36 -28.99
CA SER A 285 25.30 11.66 -29.47
C SER A 285 24.20 11.63 -28.40
N LEU A 286 22.95 11.55 -28.86
CA LEU A 286 21.81 11.48 -27.95
C LEU A 286 21.92 10.33 -26.93
N PRO A 287 22.19 9.09 -27.41
CA PRO A 287 22.40 8.02 -26.42
C PRO A 287 23.56 8.31 -25.47
N GLU A 288 24.58 9.01 -25.98
CA GLU A 288 25.75 9.35 -25.16
C GLU A 288 25.38 10.29 -24.02
N LEU A 289 24.56 11.29 -24.36
CA LEU A 289 24.11 12.27 -23.39
C LEU A 289 23.23 11.60 -22.35
N LEU A 290 22.33 10.73 -22.82
CA LEU A 290 21.47 10.02 -21.90
C LEU A 290 22.26 9.08 -21.00
N ARG A 291 23.32 8.50 -21.54
CA ARG A 291 24.16 7.60 -20.74
C ARG A 291 24.94 8.36 -19.68
N GLU A 292 25.40 9.57 -20.01
CA GLU A 292 26.08 10.36 -18.99
C GLU A 292 25.11 10.82 -17.91
N VAL A 293 23.89 11.15 -18.30
CA VAL A 293 22.94 11.72 -17.34
C VAL A 293 22.27 10.67 -16.46
N LEU A 294 21.97 9.50 -17.02
CA LEU A 294 21.15 8.51 -16.32
C LEU A 294 21.92 7.35 -15.70
N THR A 295 23.24 7.29 -15.88
CA THR A 295 24.02 6.19 -15.34
C THR A 295 25.13 6.64 -14.40
N GLU A 296 24.96 7.82 -13.82
CA GLU A 296 25.92 8.34 -12.86
C GLU A 296 26.00 7.44 -11.63
N GLU A 297 27.21 7.22 -11.14
CA GLU A 297 27.44 6.40 -9.96
C GLU A 297 27.62 7.29 -8.72
N SER A 298 26.73 7.14 -7.74
CA SER A 298 26.76 7.98 -6.55
C SER A 298 27.69 7.45 -5.45
N VAL A 299 28.12 6.19 -5.57
CA VAL A 299 29.07 5.62 -4.62
C VAL A 299 30.18 4.89 -5.38
N VAL A 300 31.41 5.38 -5.21
CA VAL A 300 32.54 4.84 -5.95
C VAL A 300 33.13 3.62 -5.24
N ARG A 301 33.34 2.55 -6.02
CA ARG A 301 33.87 1.31 -5.46
C ARG A 301 34.87 0.67 -6.44
N ASN B 2 -35.48 -17.18 17.00
CA ASN B 2 -35.69 -16.61 18.34
C ASN B 2 -34.39 -16.47 19.11
N THR B 3 -34.02 -17.52 19.84
CA THR B 3 -32.79 -17.53 20.62
C THR B 3 -31.55 -17.71 19.75
N LEU B 4 -30.42 -17.24 20.24
CA LEU B 4 -29.15 -17.30 19.51
C LEU B 4 -28.63 -18.73 19.32
N ARG B 5 -27.98 -18.96 18.20
CA ARG B 5 -27.34 -20.24 17.90
C ARG B 5 -26.08 -20.44 18.75
N VAL B 6 -25.71 -21.71 18.94
CA VAL B 6 -24.51 -22.05 19.71
C VAL B 6 -23.22 -21.39 19.17
N PRO B 7 -22.95 -21.48 17.85
CA PRO B 7 -21.72 -20.80 17.39
C PRO B 7 -21.67 -19.29 17.68
N ASP B 8 -22.83 -18.62 17.60
CA ASP B 8 -22.88 -17.20 17.88
C ASP B 8 -22.67 -16.92 19.37
N ILE B 9 -23.20 -17.83 20.20
CA ILE B 9 -23.07 -17.72 21.65
C ILE B 9 -21.61 -17.87 22.05
N LEU B 10 -20.97 -18.88 21.48
CA LEU B 10 -19.57 -19.17 21.71
C LEU B 10 -18.72 -18.01 21.23
N ALA B 11 -19.14 -17.40 20.12
CA ALA B 11 -18.46 -16.22 19.62
C ALA B 11 -18.60 -15.06 20.60
N LEU B 12 -19.74 -14.98 21.29
CA LEU B 12 -19.93 -13.95 22.30
C LEU B 12 -19.01 -14.17 23.51
N VAL B 13 -18.86 -15.43 23.90
CA VAL B 13 -18.01 -15.77 25.05
C VAL B 13 -16.56 -15.42 24.75
N ILE B 14 -16.10 -15.87 23.59
CA ILE B 14 -14.73 -15.60 23.18
C ILE B 14 -14.52 -14.10 23.02
N PHE B 15 -15.55 -13.40 22.55
CA PHE B 15 -15.44 -11.95 22.38
C PHE B 15 -15.25 -11.26 23.72
N ALA B 16 -15.98 -11.71 24.74
CA ALA B 16 -15.88 -11.10 26.05
C ALA B 16 -14.49 -11.33 26.65
N VAL B 17 -14.05 -12.59 26.60
CA VAL B 17 -12.76 -12.93 27.18
C VAL B 17 -11.62 -12.16 26.49
N VAL B 18 -11.68 -12.13 25.16
CA VAL B 18 -10.67 -11.43 24.37
C VAL B 18 -10.72 -9.93 24.64
N PHE B 19 -11.89 -9.40 24.96
CA PHE B 19 -11.97 -7.97 25.25
C PHE B 19 -11.29 -7.67 26.58
N LEU B 20 -11.59 -8.45 27.61
CA LEU B 20 -11.02 -8.15 28.91
C LEU B 20 -9.50 -8.36 28.91
N VAL B 21 -9.09 -9.56 28.53
CA VAL B 21 -7.68 -9.94 28.54
C VAL B 21 -6.89 -9.09 27.56
N GLY B 22 -7.52 -8.75 26.44
CA GLY B 22 -6.86 -7.97 25.40
C GLY B 22 -6.66 -6.53 25.77
N VAL B 23 -7.72 -5.88 26.26
CA VAL B 23 -7.63 -4.48 26.61
C VAL B 23 -6.67 -4.31 27.77
N LEU B 24 -6.90 -5.05 28.86
CA LEU B 24 -6.07 -4.87 30.04
C LEU B 24 -4.63 -5.32 29.79
N GLY B 25 -4.47 -6.45 29.13
CA GLY B 25 -3.16 -7.02 28.90
C GLY B 25 -2.31 -6.16 27.97
N ASN B 26 -2.88 -5.82 26.82
CA ASN B 26 -2.14 -5.00 25.87
C ASN B 26 -1.87 -3.61 26.43
N ALA B 27 -2.79 -3.08 27.23
CA ALA B 27 -2.53 -1.78 27.85
C ALA B 27 -1.36 -1.88 28.80
N LEU B 28 -1.29 -3.01 29.53
CA LEU B 28 -0.17 -3.23 30.44
C LEU B 28 1.14 -3.35 29.67
N VAL B 29 1.07 -3.96 28.49
CA VAL B 29 2.27 -4.11 27.66
C VAL B 29 2.75 -2.76 27.15
N VAL B 30 1.82 -1.91 26.73
CA VAL B 30 2.18 -0.59 26.25
C VAL B 30 2.80 0.22 27.38
N TRP B 31 2.25 0.08 28.58
CA TRP B 31 2.76 0.81 29.74
C TRP B 31 4.16 0.37 30.10
N VAL B 32 4.40 -0.94 30.07
CA VAL B 32 5.71 -1.48 30.41
C VAL B 32 6.79 -1.13 29.37
N THR B 33 6.42 -1.22 28.10
CA THR B 33 7.40 -1.01 27.03
C THR B 33 7.60 0.45 26.62
N ALA B 34 6.72 1.34 27.05
CA ALA B 34 6.82 2.73 26.58
C ALA B 34 8.08 3.45 27.06
N PHE B 35 8.47 3.21 28.31
CA PHE B 35 9.63 3.88 28.89
C PHE B 35 10.95 3.38 28.30
N GLU B 36 10.95 2.15 27.82
CA GLU B 36 12.14 1.55 27.25
C GLU B 36 12.15 1.61 25.74
N ALA B 37 11.12 2.23 25.16
CA ALA B 37 10.94 2.28 23.72
C ALA B 37 11.85 3.28 23.01
N LYS B 38 12.48 4.17 23.78
CA LYS B 38 13.34 5.19 23.19
C LYS B 38 14.74 4.66 22.85
N ARG B 39 15.07 3.47 23.34
CA ARG B 39 16.40 2.91 23.11
C ARG B 39 16.38 1.45 22.70
N THR B 40 15.71 0.61 23.49
CA THR B 40 15.65 -0.83 23.20
C THR B 40 14.74 -1.14 22.01
N ILE B 41 15.25 -1.96 21.07
CA ILE B 41 14.55 -2.26 19.83
C ILE B 41 13.38 -3.22 20.04
N ASN B 42 13.62 -4.26 20.82
CA ASN B 42 12.60 -5.27 21.08
C ASN B 42 11.39 -4.64 21.74
N ALA B 43 11.64 -3.65 22.58
CA ALA B 43 10.58 -2.90 23.24
C ALA B 43 9.73 -2.15 22.21
N ILE B 44 10.37 -1.64 21.17
CA ILE B 44 9.65 -0.96 20.10
C ILE B 44 8.77 -1.95 19.35
N TRP B 45 9.31 -3.14 19.09
CA TRP B 45 8.53 -4.17 18.40
C TRP B 45 7.27 -4.53 19.19
N PHE B 46 7.46 -4.93 20.44
CA PHE B 46 6.36 -5.38 21.27
C PHE B 46 5.37 -4.25 21.55
N LEU B 47 5.87 -3.03 21.60
CA LEU B 47 5.02 -1.86 21.78
C LEU B 47 4.07 -1.69 20.60
N ASN B 48 4.62 -1.75 19.39
CA ASN B 48 3.77 -1.60 18.21
C ASN B 48 2.76 -2.75 18.07
N LEU B 49 3.19 -3.97 18.39
CA LEU B 49 2.27 -5.09 18.34
C LEU B 49 1.14 -4.89 19.34
N ALA B 50 1.49 -4.30 20.48
CA ALA B 50 0.52 -4.07 21.55
C ALA B 50 -0.50 -3.00 21.17
N VAL B 51 -0.05 -1.93 20.52
CA VAL B 51 -0.97 -0.89 20.08
C VAL B 51 -1.91 -1.44 19.02
N ALA B 52 -1.36 -2.25 18.11
CA ALA B 52 -2.18 -2.83 17.06
C ALA B 52 -3.24 -3.77 17.64
N ASP B 53 -2.87 -4.57 18.62
CA ASP B 53 -3.84 -5.45 19.27
C ASP B 53 -4.86 -4.67 20.09
N PHE B 54 -4.45 -3.53 20.66
CA PHE B 54 -5.34 -2.74 21.49
C PHE B 54 -6.42 -2.05 20.68
N LEU B 55 -6.05 -1.55 19.50
CA LEU B 55 -7.02 -0.82 18.68
C LEU B 55 -8.16 -1.72 18.20
N ALA B 56 -7.84 -2.97 17.89
CA ALA B 56 -8.85 -3.91 17.41
C ALA B 56 -9.86 -4.27 18.49
N CYS B 57 -9.41 -4.26 19.75
CA CYS B 57 -10.28 -4.61 20.88
C CYS B 57 -11.38 -3.58 21.10
N LEU B 58 -11.13 -2.34 20.68
CA LEU B 58 -12.10 -1.27 20.86
C LEU B 58 -13.38 -1.52 20.08
N ALA B 59 -13.26 -2.23 18.96
CA ALA B 59 -14.41 -2.52 18.10
C ALA B 59 -15.26 -3.67 18.63
N LEU B 60 -14.73 -4.40 19.61
CA LEU B 60 -15.41 -5.57 20.15
C LEU B 60 -16.80 -5.32 20.75
N PRO B 61 -16.97 -4.29 21.59
CA PRO B 61 -18.32 -4.10 22.15
C PRO B 61 -19.43 -3.92 21.10
N ALA B 62 -19.11 -3.25 19.99
CA ALA B 62 -20.10 -3.04 18.94
C ALA B 62 -20.45 -4.34 18.21
N LEU B 63 -19.42 -5.16 17.95
CA LEU B 63 -19.63 -6.45 17.31
C LEU B 63 -20.44 -7.37 18.23
N PHE B 64 -20.20 -7.24 19.53
CA PHE B 64 -20.89 -8.03 20.53
C PHE B 64 -22.37 -7.66 20.54
N THR B 65 -22.62 -6.35 20.58
CA THR B 65 -23.99 -5.85 20.58
C THR B 65 -24.71 -6.23 19.30
N SER B 66 -23.97 -6.25 18.19
CA SER B 66 -24.57 -6.62 16.92
C SER B 66 -24.93 -8.10 16.90
N ILE B 67 -24.06 -8.94 17.43
CA ILE B 67 -24.36 -10.37 17.47
C ILE B 67 -25.55 -10.67 18.39
N VAL B 68 -25.65 -9.94 19.50
CA VAL B 68 -26.77 -10.14 20.42
C VAL B 68 -28.08 -9.72 19.75
N GLN B 69 -28.00 -8.73 18.86
CA GLN B 69 -29.18 -8.23 18.17
C GLN B 69 -29.33 -8.89 16.80
N HIS B 70 -28.81 -10.10 16.67
CA HIS B 70 -28.91 -10.88 15.43
C HIS B 70 -28.38 -10.12 14.23
N HIS B 71 -27.15 -9.64 14.35
CA HIS B 71 -26.43 -8.92 13.29
C HIS B 71 -27.13 -7.63 12.84
N HIS B 72 -27.98 -7.09 13.69
CA HIS B 72 -28.54 -5.75 13.47
C HIS B 72 -27.45 -4.71 13.74
N TRP B 73 -27.43 -3.63 12.95
CA TRP B 73 -26.38 -2.62 13.09
C TRP B 73 -26.95 -1.22 13.28
N PRO B 74 -27.09 -0.80 14.55
CA PRO B 74 -27.68 0.50 14.90
C PRO B 74 -26.64 1.60 15.12
N PHE B 75 -25.43 1.42 14.62
CA PHE B 75 -24.34 2.36 14.92
C PHE B 75 -24.03 3.35 13.80
N GLY B 76 -24.69 3.20 12.66
CA GLY B 76 -24.49 4.12 11.56
C GLY B 76 -23.35 3.78 10.61
N GLY B 77 -23.27 4.52 9.52
CA GLY B 77 -22.35 4.23 8.45
C GLY B 77 -20.88 4.44 8.76
N ALA B 78 -20.58 5.42 9.62
CA ALA B 78 -19.19 5.69 9.99
C ALA B 78 -18.64 4.52 10.80
N ALA B 79 -19.40 4.09 11.81
CA ALA B 79 -19.02 2.93 12.60
C ALA B 79 -18.99 1.68 11.75
N CYS B 80 -19.88 1.62 10.76
CA CYS B 80 -19.93 0.49 9.84
C CYS B 80 -18.67 0.41 8.97
N SER B 81 -18.11 1.56 8.65
CA SER B 81 -16.89 1.61 7.84
C SER B 81 -15.64 1.38 8.66
N ILE B 82 -15.63 1.90 9.89
CA ILE B 82 -14.42 1.87 10.70
C ILE B 82 -14.30 0.65 11.59
N LEU B 83 -15.31 0.40 12.43
CA LEU B 83 -15.19 -0.63 13.46
C LEU B 83 -14.92 -2.06 12.95
N PRO B 84 -15.69 -2.56 11.95
CA PRO B 84 -15.34 -3.88 11.40
C PRO B 84 -13.94 -3.96 10.79
N SER B 85 -13.45 -2.85 10.24
CA SER B 85 -12.15 -2.82 9.54
C SER B 85 -10.94 -2.86 10.48
N LEU B 86 -11.17 -2.63 11.77
CA LEU B 86 -10.07 -2.53 12.71
C LEU B 86 -9.28 -3.83 12.83
N ILE B 87 -9.95 -4.97 12.69
CA ILE B 87 -9.25 -6.25 12.79
C ILE B 87 -8.51 -6.60 11.50
N LEU B 88 -8.97 -6.07 10.37
CA LEU B 88 -8.25 -6.26 9.11
C LEU B 88 -6.98 -5.42 9.15
N LEU B 89 -7.13 -4.22 9.70
CA LEU B 89 -6.00 -3.35 9.94
C LEU B 89 -5.03 -4.03 10.91
N ASN B 90 -5.59 -4.74 11.88
CA ASN B 90 -4.77 -5.48 12.83
C ASN B 90 -4.03 -6.61 12.14
N MET B 91 -4.66 -7.20 11.14
CA MET B 91 -4.09 -8.32 10.42
C MET B 91 -2.86 -7.86 9.67
N TYR B 92 -3.04 -6.84 8.83
CA TYR B 92 -1.91 -6.36 8.03
C TYR B 92 -0.81 -5.71 8.89
N ALA B 93 -1.20 -4.97 9.93
CA ALA B 93 -0.22 -4.30 10.76
C ALA B 93 0.61 -5.31 11.55
N SER B 94 -0.06 -6.30 12.13
CA SER B 94 0.65 -7.30 12.92
C SER B 94 1.53 -8.16 12.04
N ILE B 95 1.06 -8.56 10.85
CA ILE B 95 1.90 -9.39 10.00
C ILE B 95 3.09 -8.60 9.45
N LEU B 96 2.92 -7.30 9.23
CA LEU B 96 4.00 -6.47 8.74
C LEU B 96 5.07 -6.28 9.82
N LEU B 97 4.62 -5.96 11.03
CA LEU B 97 5.53 -5.80 12.14
C LEU B 97 6.25 -7.10 12.45
N LEU B 98 5.52 -8.21 12.36
CA LEU B 98 6.11 -9.53 12.60
C LEU B 98 7.13 -9.87 11.52
N ALA B 99 6.92 -9.39 10.30
CA ALA B 99 7.90 -9.60 9.25
C ALA B 99 9.17 -8.81 9.57
N THR B 100 8.99 -7.57 10.04
CA THR B 100 10.15 -6.74 10.38
C THR B 100 10.93 -7.34 11.54
N ILE B 101 10.20 -7.82 12.54
CA ILE B 101 10.80 -8.44 13.72
C ILE B 101 11.53 -9.71 13.32
N SER B 102 10.97 -10.42 12.35
CA SER B 102 11.59 -11.64 11.86
C SER B 102 12.88 -11.33 11.13
N ALA B 103 12.90 -10.22 10.39
CA ALA B 103 14.14 -9.78 9.74
C ALA B 103 15.18 -9.42 10.79
N ASP B 104 14.70 -8.86 11.90
CA ASP B 104 15.58 -8.50 13.01
C ASP B 104 16.21 -9.74 13.63
N ARG B 105 15.38 -10.73 13.93
CA ARG B 105 15.86 -11.99 14.53
C ARG B 105 16.81 -12.72 13.59
N PHE B 106 16.54 -12.61 12.29
CA PHE B 106 17.39 -13.25 11.29
C PHE B 106 18.76 -12.59 11.25
N LEU B 107 18.75 -11.27 11.15
CA LEU B 107 19.99 -10.52 11.03
C LEU B 107 20.83 -10.62 12.29
N LEU B 108 20.19 -10.73 13.45
CA LEU B 108 20.96 -10.88 14.69
C LEU B 108 21.73 -12.19 14.70
N VAL B 109 21.17 -13.21 14.06
CA VAL B 109 21.81 -14.53 14.04
C VAL B 109 22.86 -14.67 12.95
N PHE B 110 22.53 -14.20 11.74
CA PHE B 110 23.41 -14.41 10.60
C PHE B 110 24.31 -13.22 10.26
N LYS B 111 23.93 -12.03 10.69
CA LYS B 111 24.78 -10.85 10.46
C LYS B 111 24.96 -9.99 11.71
N PRO B 112 25.68 -10.51 12.71
CA PRO B 112 25.93 -9.72 13.93
C PRO B 112 26.66 -8.41 13.66
N ALA B 113 27.55 -8.43 12.67
CA ALA B 113 28.37 -7.27 12.34
C ALA B 113 27.52 -6.11 11.85
N TRP B 114 26.45 -6.42 11.11
CA TRP B 114 25.54 -5.39 10.62
C TRP B 114 24.79 -4.78 11.79
N CYS B 115 24.34 -5.63 12.70
CA CYS B 115 23.56 -5.19 13.83
C CYS B 115 24.35 -4.34 14.80
N GLN B 116 25.65 -4.62 14.94
CA GLN B 116 26.48 -3.85 15.87
C GLN B 116 26.62 -2.40 15.42
N ARG B 117 26.57 -2.19 14.11
CA ARG B 117 26.79 -0.87 13.53
C ARG B 117 25.50 -0.12 13.17
N PHE B 118 24.44 -0.85 12.83
CA PHE B 118 23.26 -0.22 12.23
C PHE B 118 21.91 -0.47 12.92
N ARG B 119 21.90 -1.28 13.96
CA ARG B 119 20.63 -1.62 14.62
C ARG B 119 20.25 -0.58 15.67
N GLY B 120 19.71 0.55 15.22
CA GLY B 120 19.33 1.63 16.10
C GLY B 120 17.82 1.81 16.23
N ALA B 121 17.42 2.57 17.25
CA ALA B 121 16.01 2.78 17.53
C ALA B 121 15.28 3.56 16.44
N GLY B 122 15.98 4.49 15.79
CA GLY B 122 15.36 5.34 14.80
C GLY B 122 14.97 4.57 13.56
N LEU B 123 15.82 3.62 13.16
CA LEU B 123 15.49 2.76 12.03
C LEU B 123 14.29 1.88 12.37
N ALA B 124 14.22 1.45 13.63
CA ALA B 124 13.12 0.62 14.06
C ALA B 124 11.81 1.39 14.00
N TRP B 125 11.83 2.63 14.47
CA TRP B 125 10.64 3.47 14.41
C TRP B 125 10.24 3.79 12.97
N ILE B 126 11.22 3.95 12.09
CA ILE B 126 10.93 4.24 10.69
C ILE B 126 10.25 3.03 10.04
N LEU B 127 10.80 1.84 10.28
CA LEU B 127 10.20 0.63 9.74
C LEU B 127 8.80 0.37 10.29
N CYS B 128 8.59 0.71 11.57
CA CYS B 128 7.27 0.55 12.17
C CYS B 128 6.28 1.52 11.53
N ALA B 129 6.74 2.73 11.24
CA ALA B 129 5.90 3.74 10.62
C ALA B 129 5.51 3.31 9.21
N VAL B 130 6.47 2.75 8.48
CA VAL B 130 6.21 2.26 7.13
C VAL B 130 5.21 1.11 7.17
N ALA B 131 5.33 0.27 8.20
CA ALA B 131 4.43 -0.86 8.35
C ALA B 131 3.01 -0.38 8.60
N TRP B 132 2.85 0.60 9.49
CA TRP B 132 1.53 1.15 9.77
C TRP B 132 0.93 1.82 8.53
N GLY B 133 1.79 2.46 7.75
CA GLY B 133 1.33 3.16 6.56
C GLY B 133 0.81 2.19 5.51
N LEU B 134 1.59 1.15 5.24
CA LEU B 134 1.16 0.15 4.27
C LEU B 134 -0.07 -0.60 4.76
N ALA B 135 -0.18 -0.80 6.07
CA ALA B 135 -1.32 -1.51 6.63
C ALA B 135 -2.60 -0.71 6.45
N LEU B 136 -2.55 0.58 6.80
CA LEU B 136 -3.70 1.45 6.61
C LEU B 136 -4.07 1.54 5.14
N LEU B 137 -3.04 1.55 4.30
CA LEU B 137 -3.25 1.64 2.86
C LEU B 137 -4.01 0.43 2.35
N LEU B 138 -3.63 -0.76 2.84
CA LEU B 138 -4.32 -1.97 2.44
C LEU B 138 -5.74 -2.07 3.03
N THR B 139 -5.96 -1.44 4.18
CA THR B 139 -7.26 -1.50 4.84
C THR B 139 -8.27 -0.48 4.28
N ILE B 140 -7.79 0.55 3.61
CA ILE B 140 -8.69 1.61 3.12
C ILE B 140 -9.87 1.13 2.24
N PRO B 141 -9.59 0.29 1.21
CA PRO B 141 -10.73 -0.18 0.40
C PRO B 141 -11.78 -0.94 1.22
N SER B 142 -11.34 -1.65 2.24
CA SER B 142 -12.25 -2.39 3.09
C SER B 142 -13.18 -1.47 3.87
N ALA B 143 -12.69 -0.28 4.20
CA ALA B 143 -13.50 0.71 4.90
C ALA B 143 -14.46 1.40 3.94
N LEU B 144 -13.97 1.72 2.74
CA LEU B 144 -14.78 2.44 1.77
C LEU B 144 -15.97 1.65 1.22
N TYR B 145 -15.83 0.33 1.12
CA TYR B 145 -16.80 -0.48 0.40
C TYR B 145 -17.76 -1.25 1.30
N ARG B 146 -17.79 -0.93 2.59
CA ARG B 146 -18.81 -1.48 3.47
C ARG B 146 -19.94 -0.46 3.64
N VAL B 147 -21.18 -0.94 3.53
CA VAL B 147 -22.33 -0.05 3.64
C VAL B 147 -23.40 -0.60 4.58
N VAL B 148 -24.25 0.31 5.04
CA VAL B 148 -25.42 -0.05 5.83
C VAL B 148 -26.65 -0.16 4.93
N ARG B 149 -27.28 -1.34 4.93
CA ARG B 149 -28.46 -1.57 4.12
C ARG B 149 -29.65 -2.00 4.98
N GLU B 150 -30.85 -1.61 4.54
CA GLU B 150 -32.07 -1.96 5.24
C GLU B 150 -32.80 -3.12 4.56
N GLU B 151 -33.23 -4.10 5.36
CA GLU B 151 -34.00 -5.23 4.85
C GLU B 151 -35.32 -5.34 5.63
N TYR B 152 -36.33 -5.96 5.01
CA TYR B 152 -37.69 -5.93 5.57
C TYR B 152 -38.30 -7.29 5.89
N PHE B 153 -37.62 -8.37 5.53
CA PHE B 153 -38.17 -9.70 5.75
C PHE B 153 -37.19 -10.66 6.44
N PRO B 154 -37.06 -10.55 7.77
CA PRO B 154 -37.70 -9.58 8.66
C PRO B 154 -37.00 -8.23 8.62
N PRO B 155 -37.61 -7.18 9.19
CA PRO B 155 -36.87 -5.92 9.20
C PRO B 155 -35.56 -6.05 9.98
N LYS B 156 -34.50 -5.44 9.46
CA LYS B 156 -33.18 -5.53 10.04
C LYS B 156 -32.25 -4.56 9.32
N VAL B 157 -31.21 -4.10 10.01
CA VAL B 157 -30.24 -3.19 9.42
C VAL B 157 -28.86 -3.85 9.39
N LEU B 158 -28.42 -4.23 8.19
CA LEU B 158 -27.17 -4.98 8.06
C LEU B 158 -25.99 -4.11 7.63
N CYS B 159 -24.85 -4.32 8.29
CA CYS B 159 -23.60 -3.70 7.89
C CYS B 159 -22.79 -4.71 7.10
N GLY B 160 -22.60 -4.47 5.80
CA GLY B 160 -21.90 -5.45 4.98
C GLY B 160 -21.24 -4.92 3.74
N VAL B 161 -20.37 -5.73 3.15
CA VAL B 161 -19.67 -5.35 1.93
C VAL B 161 -20.67 -5.22 0.78
N ASP B 162 -20.48 -4.20 -0.05
CA ASP B 162 -21.33 -3.99 -1.21
C ASP B 162 -20.52 -3.93 -2.49
N TYR B 163 -20.64 -4.99 -3.29
CA TYR B 163 -19.99 -5.08 -4.59
C TYR B 163 -20.99 -5.61 -5.60
N SER B 164 -21.35 -4.80 -6.58
CA SER B 164 -22.34 -5.23 -7.57
C SER B 164 -21.85 -6.43 -8.39
N HIS B 165 -20.55 -6.47 -8.64
CA HIS B 165 -19.92 -7.62 -9.29
C HIS B 165 -19.49 -8.63 -8.22
N ASP B 166 -20.47 -9.33 -7.64
CA ASP B 166 -20.21 -10.23 -6.52
C ASP B 166 -19.26 -11.36 -6.90
N LYS B 167 -19.37 -11.82 -8.14
CA LYS B 167 -18.57 -12.95 -8.59
C LYS B 167 -17.16 -12.54 -8.98
N ARG B 168 -17.03 -11.40 -9.66
CA ARG B 168 -15.72 -11.00 -10.17
C ARG B 168 -14.84 -10.32 -9.11
N ARG B 169 -15.36 -9.28 -8.48
CA ARG B 169 -14.53 -8.44 -7.61
C ARG B 169 -14.33 -8.98 -6.19
N GLU B 170 -15.38 -9.56 -5.62
CA GLU B 170 -15.31 -10.05 -4.25
C GLU B 170 -14.29 -11.18 -4.13
N ARG B 171 -14.24 -12.02 -5.16
CA ARG B 171 -13.25 -13.09 -5.20
C ARG B 171 -11.84 -12.51 -5.27
N ALA B 172 -11.69 -11.38 -5.95
CA ALA B 172 -10.40 -10.71 -6.05
C ALA B 172 -9.97 -10.18 -4.68
N VAL B 173 -10.93 -9.64 -3.93
CA VAL B 173 -10.62 -9.18 -2.58
C VAL B 173 -10.20 -10.36 -1.70
N ALA B 174 -10.91 -11.48 -1.84
CA ALA B 174 -10.60 -12.67 -1.05
C ALA B 174 -9.23 -13.24 -1.41
N ILE B 175 -8.85 -13.14 -2.68
CA ILE B 175 -7.56 -13.63 -3.13
C ILE B 175 -6.44 -12.75 -2.58
N VAL B 176 -6.63 -11.44 -2.68
CA VAL B 176 -5.61 -10.51 -2.20
C VAL B 176 -5.42 -10.67 -0.71
N ARG B 177 -6.51 -10.82 0.03
CA ARG B 177 -6.42 -10.99 1.47
C ARG B 177 -5.77 -12.33 1.83
N LEU B 178 -6.12 -13.37 1.10
CA LEU B 178 -5.57 -14.70 1.36
C LEU B 178 -4.06 -14.76 1.12
N VAL B 179 -3.61 -14.04 0.10
CA VAL B 179 -2.21 -14.08 -0.27
C VAL B 179 -1.38 -13.14 0.59
N LEU B 180 -1.72 -11.86 0.57
CA LEU B 180 -0.96 -10.87 1.32
C LEU B 180 -1.09 -11.06 2.83
N GLY B 181 -2.21 -11.61 3.28
CA GLY B 181 -2.44 -11.74 4.70
C GLY B 181 -2.06 -13.07 5.31
N PHE B 182 -1.81 -14.09 4.49
CA PHE B 182 -1.63 -15.44 5.02
C PHE B 182 -0.58 -16.25 4.29
N LEU B 183 -0.82 -16.55 3.01
CA LEU B 183 -0.01 -17.53 2.29
C LEU B 183 1.45 -17.10 2.10
N TRP B 184 1.65 -15.91 1.55
CA TRP B 184 2.99 -15.36 1.39
C TRP B 184 3.74 -15.21 2.73
N PRO B 185 3.10 -14.58 3.75
CA PRO B 185 3.78 -14.58 5.04
C PRO B 185 4.10 -15.98 5.57
N LEU B 186 3.22 -16.93 5.32
CA LEU B 186 3.43 -18.28 5.80
C LEU B 186 4.67 -18.89 5.17
N LEU B 187 4.78 -18.74 3.85
CA LEU B 187 5.90 -19.28 3.11
C LEU B 187 7.22 -18.64 3.54
N THR B 188 7.27 -17.31 3.49
CA THR B 188 8.51 -16.62 3.77
C THR B 188 8.97 -16.77 5.22
N LEU B 189 8.04 -16.64 6.17
CA LEU B 189 8.39 -16.80 7.57
C LEU B 189 8.78 -18.24 7.90
N THR B 190 8.14 -19.21 7.22
CA THR B 190 8.51 -20.60 7.45
C THR B 190 9.95 -20.83 7.00
N ILE B 191 10.31 -20.28 5.85
CA ILE B 191 11.70 -20.41 5.39
C ILE B 191 12.67 -19.73 6.35
N CYS B 192 12.27 -18.55 6.82
CA CYS B 192 13.11 -17.72 7.66
C CYS B 192 13.45 -18.41 8.98
N TYR B 193 12.41 -18.86 9.67
CA TYR B 193 12.61 -19.52 10.95
C TYR B 193 13.16 -20.93 10.77
N THR B 194 13.01 -21.50 9.58
CA THR B 194 13.70 -22.76 9.30
C THR B 194 15.21 -22.54 9.35
N PHE B 195 15.67 -21.49 8.64
CA PHE B 195 17.09 -21.13 8.69
C PHE B 195 17.57 -20.84 10.11
N ILE B 196 16.82 -19.98 10.79
CA ILE B 196 17.22 -19.54 12.13
C ILE B 196 17.29 -20.71 13.12
N LEU B 197 16.24 -21.51 13.17
CA LEU B 197 16.19 -22.62 14.11
C LEU B 197 17.23 -23.70 13.79
N LEU B 198 17.51 -23.92 12.51
CA LEU B 198 18.55 -24.88 12.16
C LEU B 198 19.90 -24.40 12.67
N ARG B 199 20.20 -23.12 12.46
CA ARG B 199 21.46 -22.58 12.96
C ARG B 199 21.53 -22.59 14.49
N THR B 200 20.40 -22.33 15.15
CA THR B 200 20.40 -22.25 16.60
C THR B 200 20.61 -23.63 17.23
N TRP B 201 19.91 -24.63 16.69
CA TRP B 201 20.07 -25.99 17.17
C TRP B 201 21.46 -26.55 16.86
N SER B 202 22.03 -26.13 15.74
CA SER B 202 23.30 -26.72 15.29
C SER B 202 24.54 -26.20 16.00
N ALA B 203 24.60 -24.89 16.25
CA ALA B 203 25.80 -24.28 16.81
C ALA B 203 25.64 -23.93 18.28
N ARG B 204 26.57 -24.43 19.10
CA ARG B 204 26.59 -24.14 20.52
C ARG B 204 26.91 -22.67 20.81
N GLU B 205 27.72 -22.06 19.96
CA GLU B 205 28.11 -20.66 20.15
C GLU B 205 26.94 -19.69 19.97
N THR B 206 25.99 -20.05 19.12
CA THR B 206 24.80 -19.23 18.93
C THR B 206 23.64 -19.78 19.78
N ARG B 207 23.08 -18.93 20.63
CA ARG B 207 22.06 -19.36 21.58
C ARG B 207 20.64 -18.99 21.15
N SER B 208 19.67 -19.68 21.72
CA SER B 208 18.27 -19.33 21.58
C SER B 208 17.85 -18.38 22.70
N THR B 209 17.74 -17.09 22.38
CA THR B 209 17.32 -16.08 23.34
C THR B 209 15.83 -16.20 23.65
N LYS B 210 15.42 -15.69 24.80
CA LYS B 210 14.03 -15.72 25.21
C LYS B 210 13.16 -14.96 24.20
N THR B 211 13.73 -13.90 23.63
CA THR B 211 13.02 -13.09 22.65
C THR B 211 12.68 -13.91 21.41
N LEU B 212 13.59 -14.80 21.03
CA LEU B 212 13.35 -15.63 19.86
C LEU B 212 12.20 -16.59 20.09
N LYS B 213 12.15 -17.21 21.27
CA LYS B 213 11.09 -18.16 21.58
C LYS B 213 9.76 -17.45 21.62
N VAL B 214 9.76 -16.25 22.20
CA VAL B 214 8.54 -15.46 22.30
C VAL B 214 8.02 -15.10 20.92
N VAL B 215 8.91 -14.61 20.07
CA VAL B 215 8.52 -14.21 18.72
C VAL B 215 8.04 -15.41 17.91
N VAL B 216 8.67 -16.56 18.11
CA VAL B 216 8.25 -17.76 17.40
C VAL B 216 6.83 -18.16 17.82
N ALA B 217 6.53 -18.05 19.11
CA ALA B 217 5.20 -18.39 19.58
C ALA B 217 4.14 -17.42 19.01
N VAL B 218 4.49 -16.14 18.96
CA VAL B 218 3.55 -15.16 18.42
C VAL B 218 3.28 -15.39 16.94
N VAL B 219 4.36 -15.67 16.20
CA VAL B 219 4.26 -15.90 14.77
C VAL B 219 3.42 -17.13 14.47
N ALA B 220 3.58 -18.18 15.29
CA ALA B 220 2.75 -19.37 15.11
C ALA B 220 1.29 -19.07 15.41
N SER B 221 1.05 -18.29 16.47
CA SER B 221 -0.31 -18.00 16.89
C SER B 221 -1.05 -17.24 15.81
N PHE B 222 -0.33 -16.40 15.07
CA PHE B 222 -0.93 -15.62 14.00
C PHE B 222 -1.65 -16.52 13.00
N PHE B 223 -0.91 -17.48 12.45
CA PHE B 223 -1.48 -18.37 11.45
C PHE B 223 -2.50 -19.33 12.05
N ILE B 224 -2.25 -19.77 13.28
CA ILE B 224 -3.17 -20.72 13.91
C ILE B 224 -4.55 -20.10 14.06
N PHE B 225 -4.60 -18.84 14.50
CA PHE B 225 -5.90 -18.22 14.73
C PHE B 225 -6.46 -17.52 13.50
N TRP B 226 -5.64 -17.30 12.47
CA TRP B 226 -6.19 -16.72 11.23
C TRP B 226 -6.64 -17.78 10.21
N LEU B 227 -6.26 -19.04 10.41
CA LEU B 227 -6.59 -20.07 9.41
C LEU B 227 -8.09 -20.25 9.10
N PRO B 228 -8.95 -20.46 10.13
CA PRO B 228 -10.36 -20.68 9.79
C PRO B 228 -11.04 -19.52 9.05
N TYR B 229 -10.69 -18.29 9.41
CA TYR B 229 -11.32 -17.12 8.81
C TYR B 229 -10.93 -16.99 7.34
N GLN B 230 -9.70 -17.37 7.04
CA GLN B 230 -9.20 -17.29 5.66
C GLN B 230 -9.83 -18.38 4.81
N VAL B 231 -9.84 -19.60 5.33
CA VAL B 231 -10.40 -20.73 4.60
C VAL B 231 -11.89 -20.50 4.29
N THR B 232 -12.67 -20.22 5.33
CA THR B 232 -14.09 -19.97 5.15
C THR B 232 -14.29 -18.72 4.29
N GLY B 233 -13.38 -17.76 4.43
CA GLY B 233 -13.48 -16.51 3.72
C GLY B 233 -13.41 -16.64 2.22
N ILE B 234 -12.44 -17.39 1.71
CA ILE B 234 -12.38 -17.61 0.25
C ILE B 234 -13.47 -18.59 -0.19
N MET B 235 -13.79 -19.54 0.69
CA MET B 235 -14.82 -20.52 0.36
C MET B 235 -16.16 -19.85 0.10
N MET B 236 -16.43 -18.76 0.81
CA MET B 236 -17.69 -18.05 0.64
C MET B 236 -17.65 -17.13 -0.58
N SER B 237 -16.48 -17.00 -1.19
CA SER B 237 -16.37 -16.29 -2.46
C SER B 237 -16.54 -17.23 -3.65
N PHE B 238 -16.16 -18.50 -3.47
CA PHE B 238 -16.30 -19.44 -4.58
C PHE B 238 -17.57 -20.30 -4.53
N LEU B 239 -18.47 -20.00 -3.60
CA LEU B 239 -19.72 -20.76 -3.48
C LEU B 239 -20.95 -19.96 -3.90
N GLU B 240 -21.97 -20.66 -4.38
CA GLU B 240 -23.27 -20.07 -4.64
C GLU B 240 -23.97 -19.75 -3.32
N PRO B 241 -24.63 -18.58 -3.25
CA PRO B 241 -25.37 -18.20 -2.03
C PRO B 241 -26.44 -19.21 -1.64
N SER B 242 -27.06 -19.83 -2.64
CA SER B 242 -28.11 -20.82 -2.41
C SER B 242 -27.61 -22.10 -1.75
N SER B 243 -26.32 -22.40 -1.93
CA SER B 243 -25.76 -23.68 -1.49
C SER B 243 -25.73 -23.84 0.03
N PRO B 244 -26.03 -25.06 0.51
CA PRO B 244 -26.02 -25.39 1.95
C PRO B 244 -24.66 -25.17 2.63
N THR B 245 -23.57 -25.41 1.90
CA THR B 245 -22.24 -25.20 2.45
C THR B 245 -22.02 -23.73 2.77
N PHE B 246 -22.49 -22.88 1.87
CA PHE B 246 -22.42 -21.44 2.03
C PHE B 246 -23.23 -21.00 3.24
N LEU B 247 -24.37 -21.66 3.44
CA LEU B 247 -25.25 -21.36 4.55
C LEU B 247 -24.58 -21.73 5.86
N LEU B 248 -23.88 -22.86 5.85
CA LEU B 248 -23.20 -23.34 7.05
C LEU B 248 -22.06 -22.41 7.43
N LEU B 249 -21.24 -22.05 6.45
CA LEU B 249 -20.12 -21.16 6.71
C LEU B 249 -20.59 -19.78 7.16
N LYS B 250 -21.67 -19.29 6.55
CA LYS B 250 -22.21 -18.01 6.96
C LYS B 250 -22.77 -18.09 8.37
N LYS B 251 -23.27 -19.26 8.76
CA LYS B 251 -23.73 -19.45 10.12
C LYS B 251 -22.55 -19.59 11.09
N LEU B 252 -21.36 -19.88 10.56
CA LEU B 252 -20.16 -19.96 11.39
C LEU B 252 -19.27 -18.70 11.35
N ASP B 253 -19.70 -17.70 10.59
CA ASP B 253 -18.90 -16.48 10.38
C ASP B 253 -18.46 -15.77 11.66
N SER B 254 -19.42 -15.53 12.57
CA SER B 254 -19.10 -14.83 13.81
C SER B 254 -18.12 -15.62 14.66
N LEU B 255 -18.24 -16.95 14.61
CA LEU B 255 -17.34 -17.83 15.33
C LEU B 255 -15.93 -17.74 14.78
N CYS B 256 -15.82 -17.65 13.45
CA CYS B 256 -14.50 -17.54 12.83
C CYS B 256 -13.84 -16.19 13.12
N VAL B 257 -14.62 -15.12 13.07
CA VAL B 257 -14.10 -13.81 13.41
C VAL B 257 -13.66 -13.79 14.87
N SER B 258 -14.44 -14.49 15.69
CA SER B 258 -14.15 -14.58 17.11
C SER B 258 -12.85 -15.32 17.38
N PHE B 259 -12.60 -16.37 16.59
CA PHE B 259 -11.38 -17.13 16.71
C PHE B 259 -10.19 -16.29 16.24
N ALA B 260 -10.42 -15.47 15.22
CA ALA B 260 -9.39 -14.57 14.73
C ALA B 260 -9.03 -13.49 15.75
N TYR B 261 -10.01 -13.11 16.57
CA TYR B 261 -9.77 -12.02 17.52
C TYR B 261 -8.88 -12.44 18.68
N ILE B 262 -8.66 -13.75 18.81
CA ILE B 262 -7.81 -14.29 19.86
C ILE B 262 -6.37 -13.78 19.66
N ASN B 263 -6.03 -13.39 18.45
CA ASN B 263 -4.75 -12.76 18.17
C ASN B 263 -4.53 -11.50 18.97
N CYS B 264 -5.62 -10.82 19.31
CA CYS B 264 -5.57 -9.54 20.00
C CYS B 264 -5.40 -9.67 21.51
N CYS B 265 -5.42 -10.90 22.03
CA CYS B 265 -5.23 -11.12 23.45
C CYS B 265 -4.24 -12.26 23.76
N ILE B 266 -3.81 -12.98 22.72
CA ILE B 266 -2.93 -14.13 22.91
C ILE B 266 -1.50 -13.73 23.29
N ASN B 267 -1.07 -12.57 22.81
CA ASN B 267 0.30 -12.10 23.08
C ASN B 267 0.60 -11.92 24.58
N PRO B 268 -0.28 -11.24 25.35
CA PRO B 268 0.03 -11.15 26.78
C PRO B 268 0.13 -12.51 27.46
N ILE B 269 -0.69 -13.46 27.01
CA ILE B 269 -0.66 -14.81 27.55
C ILE B 269 0.68 -15.47 27.27
N ILE B 270 1.16 -15.30 26.03
CA ILE B 270 2.44 -15.88 25.63
C ILE B 270 3.59 -15.24 26.40
N TYR B 271 3.51 -13.93 26.63
CA TYR B 271 4.56 -13.22 27.35
C TYR B 271 4.63 -13.69 28.78
N VAL B 272 3.46 -13.80 29.41
CA VAL B 272 3.40 -14.21 30.80
C VAL B 272 3.87 -15.64 30.99
N VAL B 273 3.40 -16.53 30.10
CA VAL B 273 3.81 -17.93 30.17
C VAL B 273 5.33 -18.06 29.95
N ALA B 274 5.86 -17.25 29.05
CA ALA B 274 7.30 -17.25 28.78
C ALA B 274 8.09 -16.75 29.98
N GLY B 275 7.51 -15.82 30.72
CA GLY B 275 8.20 -15.25 31.87
C GLY B 275 8.27 -16.21 33.03
N GLN B 276 7.31 -17.13 33.10
CA GLN B 276 7.26 -18.11 34.17
C GLN B 276 8.25 -19.23 33.91
N ARG B 283 8.57 -14.28 42.69
CA ARG B 283 9.37 -13.30 43.41
C ARG B 283 9.54 -12.03 42.58
N LYS B 284 8.76 -11.91 41.52
CA LYS B 284 8.71 -10.71 40.71
C LYS B 284 7.26 -10.43 40.32
N SER B 285 6.89 -9.16 40.27
CA SER B 285 5.54 -8.76 39.92
C SER B 285 5.29 -8.93 38.42
N LEU B 286 4.02 -9.01 38.04
CA LEU B 286 3.65 -9.18 36.63
C LEU B 286 4.24 -8.11 35.69
N PRO B 287 4.13 -6.80 36.03
CA PRO B 287 4.79 -5.82 35.16
C PRO B 287 6.29 -6.03 35.03
N GLU B 288 6.92 -6.50 36.10
CA GLU B 288 8.36 -6.77 36.10
C GLU B 288 8.68 -7.94 35.17
N LEU B 289 7.78 -8.92 35.17
CA LEU B 289 7.92 -10.09 34.32
C LEU B 289 7.85 -9.67 32.86
N LEU B 290 6.85 -8.85 32.54
CA LEU B 290 6.71 -8.36 31.18
C LEU B 290 7.90 -7.50 30.79
N ARG B 291 8.43 -6.75 31.76
CA ARG B 291 9.55 -5.87 31.48
C ARG B 291 10.80 -6.67 31.15
N GLU B 292 10.96 -7.84 31.78
CA GLU B 292 12.10 -8.67 31.47
C GLU B 292 11.92 -9.35 30.12
N VAL B 293 10.73 -9.91 29.89
CA VAL B 293 10.51 -10.64 28.64
C VAL B 293 10.52 -9.75 27.39
N LEU B 294 10.06 -8.51 27.53
CA LEU B 294 9.81 -7.66 26.36
C LEU B 294 10.88 -6.59 26.13
N THR B 295 11.92 -6.58 26.94
CA THR B 295 12.95 -5.55 26.82
C THR B 295 14.37 -6.11 26.93
N GLU B 296 14.57 -7.31 26.39
CA GLU B 296 15.92 -7.87 26.30
C GLU B 296 16.77 -7.04 25.33
N GLU B 297 18.01 -6.74 25.72
CA GLU B 297 18.95 -6.12 24.81
C GLU B 297 19.59 -7.21 23.95
N SER B 298 19.57 -7.03 22.64
CA SER B 298 20.18 -8.01 21.76
C SER B 298 21.64 -7.64 21.47
N VAL B 299 21.95 -6.35 21.56
CA VAL B 299 23.30 -5.87 21.36
C VAL B 299 23.73 -5.02 22.54
N VAL B 300 24.60 -5.55 23.39
CA VAL B 300 25.13 -4.76 24.50
C VAL B 300 26.09 -3.66 24.01
N ARG B 301 25.99 -2.48 24.61
CA ARG B 301 26.78 -1.33 24.17
C ARG B 301 27.38 -0.57 25.36
N GLU B 302 26.75 -0.70 26.51
CA GLU B 302 27.23 -0.06 27.73
C GLU B 302 27.22 -1.02 28.90
C15 9P2 C . 2.08 4.36 -1.24
C16 9P2 C . 1.32 5.46 -0.83
C17 9P2 C . 1.12 5.70 0.49
C18 9P2 C . 1.70 4.79 1.51
C20 9P2 C . 0.24 7.47 -0.73
C01 9P2 C . 4.88 6.92 0.78
N02 9P2 C . 4.36 7.29 2.05
C03 9P2 C . 4.42 6.23 2.88
C04 9P2 C . 5.01 5.15 2.14
N05 9P2 C . 5.25 5.63 0.85
C06 9P2 C . 5.85 4.86 -0.16
C07 9P2 C . 7.36 4.92 0.10
C08 9P2 C . 8.25 4.36 -1.04
C09 9P2 C . 9.77 4.54 -0.68
C10 9P2 C . 5.27 3.68 2.66
N11 9P2 C . 4.56 2.74 1.83
C12 9P2 C . 3.09 2.74 2.11
C13 9P2 C . 2.45 3.69 1.10
C14 9P2 C . 2.65 3.46 -0.22
O19 9P2 C . 0.31 6.89 0.61
O21 9P2 C . 0.66 6.47 -1.62
C22 9P2 C . 5.15 1.42 1.85
C23 9P2 C . 5.97 1.23 0.52
C24 9P2 C . 7.29 0.90 0.55
C25 9P2 C . 8.04 0.74 -0.74
O26 9P2 C . 9.33 0.42 -1.01
C27 9P2 C . 9.40 0.13 -2.39
O28 9P2 C . 8.29 0.71 -2.96
C29 9P2 C . 7.39 0.91 -1.95
C30 9P2 C . 6.00 1.26 -1.97
C31 9P2 C . 5.29 1.41 -0.74
C32 9P2 C . 4.01 6.24 4.17
C33 9P2 C . 2.73 6.68 4.52
C34 9P2 C . 2.34 6.70 5.89
C35 9P2 C . 3.22 6.28 6.89
C36 9P2 C . 4.53 5.85 6.54
C37 9P2 C . 4.93 5.84 5.20
C38 9P2 C . 4.96 7.83 -0.37
C39 9P2 C . 4.48 7.44 -1.64
C40 9P2 C . 4.56 8.31 -2.72
C41 9P2 C . 5.11 9.55 -2.56
C42 9P2 C . 5.58 9.94 -1.29
C43 9P2 C . 5.50 9.07 -0.21
O1 TLA D . 27.99 0.28 -7.41
O11 TLA D . 27.51 1.63 -5.77
C1 TLA D . 27.60 1.39 -6.99
C2 TLA D . 27.23 2.45 -8.00
O2 TLA D . 27.76 2.32 -9.31
C3 TLA D . 26.28 3.59 -7.61
O3 TLA D . 26.61 4.52 -6.57
C4 TLA D . 24.95 3.71 -8.30
O4 TLA D . 24.34 2.67 -8.55
O41 TLA D . 24.45 4.82 -8.62
O1 TLA E . 27.09 23.07 -2.46
O11 TLA E . 28.74 22.61 -3.79
C1 TLA E . 27.55 22.92 -3.62
C2 TLA E . 26.65 23.11 -4.82
O2 TLA E . 26.31 21.97 -5.59
C3 TLA E . 26.15 24.51 -5.20
O3 TLA E . 27.03 25.47 -5.78
C4 TLA E . 24.71 24.90 -4.98
O4 TLA E . 24.26 25.93 -5.52
O41 TLA E . 23.98 24.20 -4.23
C1 OLA F . 16.45 3.66 6.29
O1 OLA F . 15.90 4.62 6.88
O2 OLA F . 17.70 3.60 6.22
C2 OLA F . 15.60 2.57 5.68
C3 OLA F . 14.33 3.18 5.09
C4 OLA F . 13.21 2.13 5.06
C5 OLA F . 13.36 1.25 3.81
C6 OLA F . 12.06 1.28 3.02
C7 OLA F . 12.20 2.25 1.84
C8 OLA F . 13.66 2.31 1.39
C9 OLA F . 13.98 3.71 0.93
C10 OLA F . 15.13 3.99 0.37
C11 OLA F . 16.18 2.93 0.16
C12 OLA F . 16.97 3.26 -1.10
C13 OLA F . 18.20 2.36 -1.19
C14 OLA F . 18.56 2.14 -2.66
C15 OLA F . 19.00 0.68 -2.85
C1 OLA G . 18.43 14.25 9.32
O1 OLA G . 19.00 13.96 10.40
O2 OLA G . 18.24 15.45 9.02
C2 OLA G . 17.95 13.15 8.41
C3 OLA G . 18.39 11.80 8.98
C4 OLA G . 17.24 11.17 9.76
C5 OLA G . 16.10 10.82 8.79
C6 OLA G . 16.36 9.45 8.16
C7 OLA G . 15.07 8.92 7.52
C8 OLA G . 15.01 9.28 6.04
C9 OLA G . 14.08 8.38 5.27
C10 OLA G . 13.49 8.81 4.18
C11 OLA G . 13.75 10.21 3.67
C12 OLA G . 12.43 11.00 3.58
C13 OLA G . 12.65 12.43 4.08
C14 OLA G . 11.58 12.80 5.12
C15 OLA G . 10.28 13.19 4.42
C16 OLA G . 9.23 12.11 4.65
C17 OLA G . 8.34 12.51 5.83
C18 OLA G . 7.09 11.63 5.86
C4 OLA H . 12.09 12.13 8.15
C5 OLA H . 12.85 10.91 8.65
C6 OLA H . 12.00 10.10 9.61
C7 OLA H . 10.61 9.88 9.02
C8 OLA H . 10.62 8.62 8.14
C9 OLA H . 9.29 7.93 8.25
C10 OLA H . 8.60 7.66 7.17
C11 OLA H . 9.13 8.04 5.82
C12 OLA H . 8.17 7.56 4.74
C13 OLA H . 7.28 8.71 4.27
C14 OLA H . 8.03 9.56 3.25
C15 OLA H . 8.08 8.85 1.89
C16 OLA H . 9.54 8.71 1.45
C17 OLA H . 10.20 10.10 1.45
C18 OLA H . 9.54 10.94 0.35
C1 OLA I . 18.61 -6.12 -17.42
O1 OLA I . 18.32 -5.91 -16.22
O2 OLA I . 19.72 -6.61 -17.72
C2 OLA I . 17.61 -5.80 -18.51
C3 OLA I . 16.19 -5.86 -17.95
C4 OLA I . 15.18 -5.61 -19.08
C5 OLA I . 13.82 -5.24 -18.48
C6 OLA I . 12.85 -4.88 -19.61
C7 OLA I . 11.53 -4.39 -19.01
C8 OLA I . 10.52 -4.13 -20.12
C9 OLA I . 9.81 -5.42 -20.46
C10 OLA I . 8.55 -5.61 -20.14
C11 OLA I . 7.77 -4.53 -19.44
C12 OLA I . 6.28 -4.88 -19.45
C1 OLA J . -11.01 7.02 -37.11
O1 OLA J . -11.87 6.42 -36.42
O2 OLA J . -11.36 7.84 -37.99
C2 OLA J . -9.55 6.74 -36.89
C3 OLA J . -8.71 7.80 -37.61
C4 OLA J . -7.51 8.17 -36.73
C5 OLA J . -6.71 6.91 -36.39
C6 OLA J . -5.28 7.29 -36.06
C7 OLA J . -4.70 6.31 -35.05
C8 OLA J . -3.77 5.32 -35.76
C9 OLA J . -2.35 5.78 -35.62
C10 OLA J . -1.45 5.02 -35.04
C11 OLA J . -1.86 3.67 -34.50
C12 OLA J . -0.66 2.73 -34.47
C13 OLA J . -1.12 1.29 -34.63
C14 OLA J . -2.35 1.04 -33.77
C4 OLA K . -8.44 12.37 -38.62
C5 OLA K . -8.49 13.69 -37.86
C6 OLA K . -7.06 14.12 -37.52
C7 OLA K . -7.07 15.35 -36.60
C8 OLA K . -5.63 15.66 -36.21
C9 OLA K . -5.55 16.92 -35.40
C10 OLA K . -4.49 17.12 -34.64
C11 OLA K . -3.41 16.07 -34.59
C12 OLA K . -2.42 16.27 -35.73
C13 OLA K . -1.76 14.94 -36.09
C14 OLA K . -0.28 15.17 -36.42
C15 OLA K . 0.37 13.86 -36.86
C4 OLA L . -15.08 12.16 3.87
C5 OLA L . -13.88 12.30 4.81
C6 OLA L . -12.88 11.18 4.54
C7 OLA L . -11.91 11.06 5.72
C8 OLA L . -10.64 10.35 5.28
C9 OLA L . -10.12 10.99 4.02
C10 OLA L . -8.85 10.94 3.74
C11 OLA L . -7.91 10.24 4.68
C12 OLA L . -7.22 9.09 3.93
C13 OLA L . -6.19 8.44 4.84
C1 OLA M . 20.48 23.05 6.51
O1 OLA M . 20.32 24.28 6.69
O2 OLA M . 21.64 22.59 6.33
C2 OLA M . 19.29 22.13 6.51
C3 OLA M . 18.27 22.63 7.52
C4 OLA M . 16.96 21.84 7.38
C5 OLA M . 15.79 22.68 7.92
C6 OLA M . 14.49 21.92 7.67
C7 OLA M . 13.35 22.92 7.44
C8 OLA M . 12.08 22.16 7.01
C9 OLA M . 10.91 22.79 7.70
C10 OLA M . 9.87 23.22 7.00
C11 OLA M . 9.85 23.07 5.50
C12 OLA M . 8.40 23.18 5.03
C13 OLA M . 8.25 22.39 3.73
C14 OLA M . 6.94 21.60 3.74
C15 OLA M . 5.79 22.55 4.11
C16 OLA M . 4.63 21.73 4.68
C1 OLA N . 18.75 26.13 -2.47
O1 OLA N . 19.08 27.00 -1.63
O2 OLA N . 19.61 25.52 -3.13
C2 OLA N . 17.28 25.82 -2.64
C3 OLA N . 16.60 25.83 -1.28
C4 OLA N . 15.12 25.51 -1.44
C5 OLA N . 14.52 25.06 -0.11
C6 OLA N . 13.03 24.79 -0.30
C7 OLA N . 12.84 23.57 -1.19
C8 OLA N . 11.70 23.83 -2.19
C9 OLA N . 11.14 22.52 -2.67
C10 OLA N . 9.84 22.41 -2.89
C11 OLA N . 8.94 23.60 -2.67
C12 OLA N . 7.71 23.47 -3.58
C13 OLA N . 6.48 24.06 -2.88
C14 OLA N . 5.36 24.22 -3.91
C15 OLA N . 4.69 25.58 -3.73
C16 OLA N . 3.49 25.71 -4.66
C17 OLA N . 3.95 26.02 -6.09
C18 OLA N . 4.23 27.52 -6.23
C3 OLA O . 18.25 21.89 -11.21
C4 OLA O . 16.79 21.51 -11.00
C5 OLA O . 15.90 22.66 -11.47
C6 OLA O . 14.43 22.29 -11.26
C7 OLA O . 13.59 22.96 -12.34
C8 OLA O . 12.38 22.06 -12.68
C9 OLA O . 11.20 22.91 -13.06
C10 OLA O . 10.48 22.59 -14.10
C11 OLA O . 10.83 21.36 -14.90
C12 OLA O . 9.57 20.53 -15.15
C13 OLA O . 8.47 21.43 -15.74
C14 OLA O . 8.67 21.56 -17.26
C15 OLA O . 7.43 22.20 -17.89
C1 OLA P . 15.30 21.15 -16.82
O1 OLA P . 15.12 22.29 -16.32
O2 OLA P . 16.29 20.47 -16.48
C2 OLA P . 14.31 20.62 -17.83
C3 OLA P . 13.33 21.72 -18.23
C4 OLA P . 12.67 21.37 -19.56
C5 OLA P . 11.52 22.32 -19.87
C6 OLA P . 10.56 21.66 -20.86
C7 OLA P . 9.54 22.69 -21.35
C8 OLA P . 8.54 22.00 -22.29
C9 OLA P . 7.15 22.12 -21.71
C10 OLA P . 6.15 21.54 -22.31
C11 OLA P . 6.38 20.76 -23.58
C12 OLA P . 5.29 19.68 -23.72
C13 OLA P . 5.86 18.49 -24.49
C14 OLA P . 5.96 18.82 -25.98
C2 OLA Q . -9.91 27.02 -8.61
C3 OLA Q . -10.07 26.29 -7.28
C4 OLA Q . -11.56 26.06 -7.00
C5 OLA Q . -11.72 24.98 -5.93
C6 OLA Q . -10.74 23.85 -6.21
C7 OLA Q . -10.54 22.98 -4.95
C8 OLA Q . -9.10 22.48 -4.91
C9 OLA Q . -8.98 21.33 -3.94
C10 OLA Q . -7.97 20.50 -4.04
C11 OLA Q . -6.94 20.73 -5.11
C12 OLA Q . -5.53 20.51 -4.56
C13 OLA Q . -4.68 21.77 -4.76
C14 OLA Q . -3.28 21.55 -4.19
C15 OLA Q . -2.75 22.86 -3.59
C16 OLA Q . -1.63 22.54 -2.59
C1 OLA R . 18.00 -9.41 -9.03
O1 OLA R . 18.74 -9.28 -8.02
O2 OLA R . 18.45 -9.19 -10.18
C2 OLA R . 16.56 -9.85 -8.85
C3 OLA R . 16.00 -9.33 -7.54
C4 OLA R . 14.67 -10.02 -7.24
C5 OLA R . 13.52 -9.06 -7.54
C6 OLA R . 12.35 -9.83 -8.14
C7 OLA R . 11.26 -10.00 -7.07
C8 OLA R . 9.89 -9.77 -7.70
C9 OLA R . 8.87 -10.67 -7.03
C10 OLA R . 7.66 -10.24 -6.79
C11 OLA R . 7.23 -8.84 -7.17
C12 OLA R . 5.83 -8.57 -6.64
C13 OLA R . 5.93 -7.71 -5.37
C14 OLA R . 4.64 -7.85 -4.54
C15 OLA R . 3.74 -6.62 -4.75
C16 OLA R . 3.81 -5.71 -3.53
C17 OLA R . 2.44 -5.62 -2.86
C18 OLA R . 2.58 -5.01 -1.47
C1 OLA S . 16.68 24.83 -7.90
O1 OLA S . 17.42 25.74 -8.33
O2 OLA S . 17.08 23.65 -7.87
C2 OLA S . 15.30 25.16 -7.39
C3 OLA S . 14.29 24.11 -7.87
C4 OLA S . 12.91 24.40 -7.30
C5 OLA S . 11.90 23.46 -7.96
C6 OLA S . 10.49 24.04 -7.82
C7 OLA S . 9.89 24.31 -9.20
C8 OLA S . 8.42 24.71 -9.04
C9 OLA S . 7.54 23.70 -9.73
C10 OLA S . 6.82 22.85 -9.03
C11 OLA S . 6.87 22.89 -7.52
C12 OLA S . 5.75 22.04 -6.93
C13 OLA S . 6.25 20.62 -6.68
C14 OLA S . 7.67 20.66 -6.10
C15 OLA S . 7.85 19.48 -5.15
C16 OLA S . 9.33 19.41 -4.73
C17 OLA S . 10.19 19.37 -5.98
C18 OLA S . 11.40 20.29 -5.78
C1 OLA T . 19.50 -13.83 -11.59
O1 OLA T . 20.10 -14.92 -11.51
O2 OLA T . 19.94 -12.83 -10.98
C2 OLA T . 18.26 -13.71 -12.45
C3 OLA T . 17.37 -12.60 -11.88
C4 OLA T . 15.95 -12.73 -12.46
C5 OLA T . 14.92 -12.70 -11.33
C6 OLA T . 13.51 -12.61 -11.92
C7 OLA T . 12.50 -12.44 -10.80
C8 OLA T . 11.08 -12.50 -11.36
C9 OLA T . 10.12 -12.86 -10.25
C15 9P2 U . 3.49 -6.50 2.90
C16 9P2 U . 3.09 -7.74 2.40
C17 9P2 U . 3.63 -8.22 1.26
C18 9P2 U . 4.65 -7.42 0.51
C20 9P2 U . 2.42 -9.88 2.27
C01 9P2 U . 7.08 -8.93 2.86
N02 9P2 U . 7.35 -9.39 1.55
C03 9P2 U . 7.83 -8.37 0.80
C04 9P2 U . 7.86 -7.22 1.66
N05 9P2 U . 7.38 -7.61 2.91
C06 9P2 U . 7.26 -6.76 4.03
C07 9P2 U . 8.66 -6.56 4.63
C08 9P2 U . 8.67 -6.33 6.17
C09 9P2 U . 10.10 -5.99 6.70
C10 9P2 U . 8.31 -5.75 1.27
N11 9P2 U . 7.11 -4.93 1.35
C12 9P2 U . 6.11 -5.32 0.32
C13 9P2 U . 5.05 -6.18 1.02
C14 9P2 U . 4.51 -5.70 2.17
O19 9P2 U . 3.04 -9.50 1.00
O21 9P2 U . 2.14 -8.67 2.92
C22 9P2 U . 7.44 -3.53 1.29
C23 9P2 U . 8.00 -3.08 2.70
C24 9P2 U . 7.19 -3.12 3.80
C25 9P2 U . 7.74 -2.69 5.13
O26 9P2 U . 7.18 -2.63 6.37
C27 9P2 U . 8.25 -2.46 7.27
O28 9P2 U . 9.30 -1.95 6.55
C29 9P2 U . 9.05 -2.28 5.24
C30 9P2 U . 9.90 -2.25 4.08
C31 9P2 U . 9.38 -2.65 2.81
C32 9P2 U . 8.21 -8.47 -0.51
C33 9P2 U . 7.36 -9.09 -1.43
C34 9P2 U . 7.74 -9.20 -2.79
C35 9P2 U . 8.97 -8.70 -3.22
C36 9P2 U . 9.85 -8.08 -2.29
C37 9P2 U . 9.47 -7.97 -0.95
C38 9P2 U . 6.53 -9.77 3.92
C39 9P2 U . 7.18 -10.96 4.29
C40 9P2 U . 6.64 -11.77 5.29
C41 9P2 U . 5.46 -11.42 5.91
C42 9P2 U . 4.81 -10.22 5.53
C43 9P2 U . 5.35 -9.43 4.53
O1 TLA V . 20.59 0.66 22.01
O11 TLA V . 22.02 0.36 23.59
C1 TLA V . 21.19 -0.10 22.78
C2 TLA V . 20.90 -1.58 22.75
O2 TLA V . 21.19 -2.35 23.91
C3 TLA V . 20.27 -2.26 21.53
O3 TLA V . 20.64 -1.93 20.18
C4 TLA V . 19.18 -3.28 21.72
O4 TLA V . 18.00 -2.92 21.65
O41 TLA V . 19.48 -4.48 21.96
C1 OLA W . 14.02 -15.08 3.76
O1 OLA W . 13.01 -15.23 3.04
O2 OLA W . 15.14 -15.48 3.37
C2 OLA W . 13.90 -14.46 5.12
C3 OLA W . 15.12 -13.59 5.41
C4 OLA W . 14.69 -12.23 5.96
C5 OLA W . 15.94 -11.39 6.27
C6 OLA W . 16.20 -10.43 5.10
C7 OLA W . 17.04 -11.15 4.05
C8 OLA W . 18.52 -10.84 4.26
C9 OLA W . 19.33 -11.69 3.33
C10 OLA W . 20.63 -11.51 3.20
C11 OLA W . 21.32 -10.45 4.00
C1 OLA X . 11.85 -11.42 -1.57
O1 OLA X . 11.50 -11.82 -2.70
O2 OLA X . 12.94 -10.84 -1.41
C2 OLA X . 10.92 -11.63 -0.40
C3 OLA X . 11.38 -10.80 0.80
C4 OLA X . 10.58 -11.20 2.04
C5 OLA X . 11.23 -10.59 3.28
C6 OLA X . 10.59 -11.22 4.52
C7 OLA X . 11.40 -10.86 5.77
C8 OLA X . 11.25 -11.99 6.79
C1 OLA Y . 13.49 8.87 13.27
O1 OLA Y . 13.62 8.46 14.45
O2 OLA Y . 14.48 9.36 12.67
C2 OLA Y . 12.14 8.78 12.60
C3 OLA Y . 11.08 8.47 13.67
C4 OLA Y . 9.69 8.48 13.02
C5 OLA Y . 8.63 8.21 14.09
C6 OLA Y . 7.44 7.48 13.46
C7 OLA Y . 6.61 6.83 14.57
C8 OLA Y . 5.40 6.10 13.96
C9 OLA Y . 4.16 6.91 14.19
C10 OLA Y . 3.14 6.83 13.37
C11 OLA Y . 3.20 5.90 12.17
C12 OLA Y . 2.49 6.55 10.98
C13 OLA Y . 1.03 6.12 10.95
C1 OLA Z . 13.58 -13.89 -5.80
O1 OLA Z . 13.34 -13.24 -4.76
O2 OLA Z . 14.77 -14.06 -6.16
C2 OLA Z . 12.46 -14.47 -6.61
C3 OLA Z . 11.22 -14.63 -5.72
C4 OLA Z . 9.99 -14.03 -6.42
C5 OLA Z . 8.72 -14.53 -5.74
C6 OLA Z . 7.58 -13.55 -5.97
C7 OLA Z . 6.37 -13.99 -5.14
C8 OLA Z . 5.52 -12.78 -4.73
C9 OLA Z . 4.24 -13.29 -4.12
C10 OLA Z . 3.49 -12.51 -3.37
C11 OLA Z . 3.90 -11.07 -3.11
C12 OLA Z . 2.71 -10.16 -3.43
C1 OLA AA . 15.76 -4.32 11.81
O1 OLA AA . 14.54 -4.30 12.05
O2 OLA AA . 16.58 -3.77 12.59
C2 OLA AA . 16.26 -5.02 10.56
C3 OLA AA . 15.20 -4.93 9.47
C4 OLA AA . 15.74 -5.55 8.19
C5 OLA AA . 15.07 -4.90 6.98
C6 OLA AA . 14.83 -5.95 5.90
C7 OLA AA . 14.78 -5.26 4.53
C8 OLA AA . 13.34 -4.80 4.23
C9 OLA AA . 13.30 -4.09 2.90
C10 OLA AA . 12.74 -4.68 1.87
C11 OLA AA . 12.15 -6.06 2.00
C1 OLA BA . 20.50 -4.01 10.81
O1 OLA BA . 20.06 -4.09 11.98
O2 OLA BA . 21.27 -4.90 10.36
C2 OLA BA . 20.11 -2.84 9.94
C3 OLA BA . 20.06 -3.29 8.48
C4 OLA BA . 19.80 -2.08 7.60
C5 OLA BA . 19.24 -2.55 6.26
C1 OLA CA . -16.21 7.48 5.10
O1 OLA CA . -17.29 7.38 4.47
O2 OLA CA . -16.08 8.34 5.99
C2 OLA CA . -15.07 6.54 4.80
C3 OLA CA . -14.30 6.24 6.08
C4 OLA CA . -13.06 5.40 5.78
C5 OLA CA . -12.03 6.27 5.06
C6 OLA CA . -10.84 5.42 4.60
C7 OLA CA . -9.68 5.60 5.56
C8 OLA CA . -9.88 4.69 6.78
C9 OLA CA . -9.43 3.29 6.47
C10 OLA CA . -8.88 2.55 7.40
C11 OLA CA . -8.70 3.10 8.79
C12 OLA CA . -9.41 2.20 9.81
C13 OLA CA . -9.60 2.97 11.11
C14 OLA CA . -8.32 3.74 11.46
C1 OLA DA . 13.45 7.77 18.95
O1 OLA DA . 14.58 7.72 18.40
O2 OLA DA . 13.03 6.80 19.61
C2 OLA DA . 12.61 9.02 18.83
C3 OLA DA . 11.38 8.73 17.98
C4 OLA DA . 10.22 8.27 18.88
C5 OLA DA . 8.93 8.29 18.07
C6 OLA DA . 7.79 7.68 18.88
C7 OLA DA . 6.46 8.23 18.37
C8 OLA DA . 5.43 7.10 18.27
C9 OLA DA . 5.10 6.58 19.63
C10 OLA DA . 3.89 6.13 19.90
C11 OLA DA . 2.82 6.14 18.85
C12 OLA DA . 2.51 4.70 18.43
C13 OLA DA . 2.62 4.57 16.90
C14 OLA DA . 1.58 3.57 16.40
C15 OLA DA . 0.23 4.28 16.22
C16 OLA DA . -0.43 3.81 14.92
C17 OLA DA . -1.92 4.15 14.96
C18 OLA DA . -2.52 3.99 13.56
C1 OLA EA . 15.21 14.09 13.31
O1 OLA EA . 15.01 15.27 12.97
O2 OLA EA . 16.32 13.76 13.80
C2 OLA EA . 14.14 13.05 13.12
C3 OLA EA . 12.83 13.73 12.70
C4 OLA EA . 11.67 13.07 13.45
C5 OLA EA . 10.39 13.18 12.60
C6 OLA EA . 9.24 13.66 13.48
C7 OLA EA . 8.46 12.45 14.00
C8 OLA EA . 8.99 12.04 15.37
C9 OLA EA . 8.61 13.03 16.43
C10 OLA EA . 7.35 13.19 16.79
C11 OLA EA . 6.26 12.39 16.14
C12 OLA EA . 5.24 11.92 17.20
C1 OLA FA . 19.51 -24.97 5.54
O1 OLA FA . 19.16 -24.11 6.38
O2 OLA FA . 20.62 -25.52 5.66
C2 OLA FA . 18.58 -25.33 4.41
C3 OLA FA . 17.29 -24.52 4.51
C4 OLA FA . 16.13 -25.31 3.91
C5 OLA FA . 14.95 -24.39 3.59
C6 OLA FA . 13.64 -25.18 3.58
C7 OLA FA . 12.46 -24.21 3.45
C8 OLA FA . 11.13 -24.97 3.31
C9 OLA FA . 10.14 -24.34 4.24
C10 OLA FA . 8.86 -24.28 3.97
C11 OLA FA . 8.29 -24.85 2.69
C12 OLA FA . 6.76 -24.96 2.84
C13 OLA FA . 6.13 -23.58 3.03
C14 OLA FA . 4.85 -23.69 3.86
C15 OLA FA . 3.65 -23.96 2.94
C16 OLA FA . 3.04 -22.64 2.48
C17 OLA FA . 3.46 -22.37 1.03
C18 OLA FA . 2.35 -21.62 0.30
C1 OLA GA . 16.25 -29.95 14.41
O1 OLA GA . 15.17 -30.47 14.75
O2 OLA GA . 17.29 -30.63 14.30
C2 OLA GA . 16.30 -28.46 14.14
C3 OLA GA . 14.88 -27.88 14.22
C4 OLA GA . 14.65 -26.94 13.04
C5 OLA GA . 13.15 -26.88 12.70
C6 OLA GA . 12.93 -26.03 11.46
C7 OLA GA . 11.43 -25.94 11.17
C8 OLA GA . 10.84 -24.71 11.85
C9 OLA GA . 9.78 -24.11 10.94
C10 OLA GA . 8.81 -23.37 11.43
C11 OLA GA . 8.73 -23.12 12.92
C12 OLA GA . 7.72 -22.01 13.20
C10 OLA HA . -8.12 -23.28 0.44
C11 OLA HA . -6.96 -22.32 0.44
C12 OLA HA . -6.56 -21.98 1.88
C13 OLA HA . -5.12 -22.45 2.14
C14 OLA HA . -4.80 -22.31 3.63
C15 OLA HA . -3.82 -23.41 4.05
C16 OLA HA . -2.46 -23.17 3.40
C17 OLA HA . -1.49 -24.27 3.83
C18 OLA HA . -0.09 -23.98 3.26
C1 OLA IA . 10.90 -22.50 20.16
O1 OLA IA . 10.78 -23.01 19.03
O2 OLA IA . 12.01 -22.49 20.73
C2 OLA IA . 9.70 -21.89 20.84
C3 OLA IA . 8.42 -22.35 20.13
C4 OLA IA . 7.19 -21.95 20.95
C5 OLA IA . 5.98 -22.79 20.54
C6 OLA IA . 4.69 -22.03 20.86
C7 OLA IA . 3.49 -22.78 20.26
C8 OLA IA . 2.43 -21.77 19.81
C9 OLA IA . 2.05 -20.90 20.99
C10 OLA IA . 0.82 -20.47 21.16
C11 OLA IA . -0.25 -20.84 20.17
C12 OLA IA . -1.53 -21.27 20.89
C13 OLA IA . -2.27 -22.28 20.02
C14 OLA IA . -3.62 -22.64 20.63
C15 OLA IA . -4.31 -23.69 19.75
C16 OLA IA . -5.84 -23.54 19.86
C17 OLA IA . -6.52 -24.30 18.73
C18 OLA IA . -7.62 -25.20 19.29
C1 OLA JA . 8.38 -19.85 25.90
O1 OLA JA . 9.05 -19.17 25.09
O2 OLA JA . 8.91 -20.84 26.46
C2 OLA JA . 6.96 -19.48 26.21
C3 OLA JA . 5.97 -20.02 25.17
C4 OLA JA . 4.57 -19.55 25.55
C5 OLA JA . 3.50 -20.47 24.95
C6 OLA JA . 2.10 -19.99 25.35
C7 OLA JA . 1.07 -21.05 24.98
C8 OLA JA . -0.32 -20.64 25.48
C9 OLA JA . -1.26 -21.82 25.34
C10 OLA JA . -2.56 -21.73 25.53
C11 OLA JA . -3.22 -20.42 25.91
C12 OLA JA . -4.43 -20.17 25.01
C13 OLA JA . -5.09 -21.48 24.59
C14 OLA JA . -5.91 -21.25 23.32
C15 OLA JA . -6.88 -22.41 23.08
C16 OLA JA . -7.75 -22.11 21.86
C17 OLA JA . -9.20 -21.93 22.31
C18 OLA JA . -9.26 -20.79 23.31
C1 OLA KA . 8.23 6.78 23.16
O1 OLA KA . 8.35 7.31 24.28
O2 OLA KA . 9.23 6.37 22.54
C2 OLA KA . 6.86 6.60 22.55
C3 OLA KA . 5.81 6.44 23.65
C4 OLA KA . 4.42 6.66 23.06
C5 OLA KA . 3.36 6.08 24.00
C6 OLA KA . 2.15 5.62 23.19
C7 OLA KA . 0.90 5.68 24.05
C8 OLA KA . -0.34 5.72 23.16
C9 OLA KA . -0.24 4.62 22.13
C10 OLA KA . -0.90 4.70 21.00
C11 OLA KA . -1.78 5.90 20.70
C12 OLA KA . -2.08 5.98 19.21
C13 OLA KA . -1.75 7.39 18.69
C14 OLA KA . -0.36 7.81 19.17
C1 OLA LA . -23.99 -13.67 27.01
O1 OLA LA . -24.62 -12.70 26.53
O2 OLA LA . -24.17 -14.82 26.55
C2 OLA LA . -23.03 -13.45 28.15
C3 OLA LA . -21.66 -14.07 27.83
C4 OLA LA . -20.59 -13.37 28.68
C5 OLA LA . -19.49 -14.35 29.03
C6 OLA LA . -18.77 -13.89 30.29
C7 OLA LA . -17.28 -14.25 30.19
C8 OLA LA . -17.10 -15.75 30.45
C9 OLA LA . -15.87 -15.99 31.28
C10 OLA LA . -15.37 -17.21 31.39
C11 OLA LA . -16.02 -18.37 30.68
C12 OLA LA . -14.96 -19.22 29.98
C13 OLA LA . -13.90 -19.67 30.98
C5 OLA MA . -10.29 -3.46 -4.74
C6 OLA MA . -9.34 -4.66 -4.83
C7 OLA MA . -9.11 -5.22 -3.43
C8 OLA MA . -8.20 -4.26 -2.65
C9 OLA MA . -6.77 -4.62 -2.95
C10 OLA MA . -5.84 -3.69 -3.00
C11 OLA MA . -6.17 -2.24 -2.76
C12 OLA MA . -5.02 -1.61 -1.98
C13 OLA MA . -5.53 -0.39 -1.23
C14 OLA MA . -5.64 0.79 -2.18
C15 OLA MA . -6.74 1.75 -1.72
C16 OLA MA . -7.99 1.53 -2.58
C17 OLA MA . -8.75 2.85 -2.74
C18 OLA MA . -10.01 2.62 -3.56
C1 CIT NA . -41.02 1.33 3.68
O1 CIT NA . -41.74 0.70 2.89
O2 CIT NA . -40.66 0.88 4.77
C2 CIT NA . -40.58 2.72 3.29
C3 CIT NA . -39.28 2.72 2.51
O7 CIT NA . -39.13 1.48 1.81
C4 CIT NA . -39.27 3.84 1.47
C5 CIT NA . -38.36 3.57 0.29
O3 CIT NA . -38.82 3.73 -0.86
O4 CIT NA . -37.19 3.21 0.50
C6 CIT NA . -38.18 2.91 3.50
O5 CIT NA . -38.22 2.27 4.57
O6 CIT NA . -37.25 3.70 3.25
#